data_7R7L
#
_entry.id   7R7L
#
_cell.length_a   55.550
_cell.length_b   83.450
_cell.length_c   218.760
_cell.angle_alpha   90.000
_cell.angle_beta   90.000
_cell.angle_gamma   90.000
#
_symmetry.space_group_name_H-M   'P 21 21 21'
#
loop_
_entity.id
_entity.type
_entity.pdbx_description
1 polymer 'Tyrosine-protein phosphatase non-receptor type 11'
2 non-polymer 6-[(3S,4S)-4-amino-3-methyl-2-oxa-8-azaspiro[4.5]decan-8-yl]-3-(2,3-dichlorophenyl)-2-methylpyrimidin-4(3H)-one
#
_entity_poly.entity_id   1
_entity_poly.type   'polypeptide(L)'
_entity_poly.pdbx_seq_one_letter_code
;GAMADIMTSRRWFHPNITGVEAENLLLTRGVDGSFLARPSKSNPGDFTLSVRRNGAVTHIKIQNTGDYYDLYGGEKFATL
AELVQYYMEHHGQLKEKNGDVIELKYPLNCADPTSERWFHGHLSGKEAEKLLTEKGKHGSFLVRESQSHPGDFVLSVRTG
DDKGESNDGKSKVTHVMIRCQELKYDVGGGERFDSLTDLVEHYKKNPMVETLGTVLQLKQPLNTTRINAAEIESRVRELS
KLAETTDKVKQGFWEEFETLQQQECKLLYSRKEGQRQENKNKNRYKNILPFDHTRVVLHDGDPNEPVSDYINANIIMPEF
ETKCNNSKPKKSYIATQGCLQNTVNDFWRMVFQENSRVIVMTTKEVERGKSKCVKYWPDEYALKEYGVMRVRNVKESAAH
DYTLRELKLSKVGQGNTERTVWQYHFRTWPDHGVPSDPGGVLDFLEEVHHKQESIMDAGPVVVHCSAGIGRTGTFIVIDI
LIDIIREKGVDCDIDVPKTIQMVRSQRSGMVQTEAQYRFIYMAVQHYIETLQRRIE
;
_entity_poly.pdbx_strand_id   A,B
#
# COMPACT_ATOMS: atom_id res chain seq x y z
N THR A 8 13.47 23.54 -4.25
CA THR A 8 12.54 23.88 -5.32
C THR A 8 11.10 23.85 -4.83
N SER A 9 10.56 22.65 -4.62
CA SER A 9 9.17 22.54 -4.18
C SER A 9 8.85 21.21 -3.54
N ARG A 10 8.34 20.27 -4.35
CA ARG A 10 7.85 18.97 -3.87
C ARG A 10 6.67 19.12 -2.90
N ARG A 11 5.73 19.98 -3.24
CA ARG A 11 4.48 20.02 -2.49
C ARG A 11 3.39 19.21 -3.14
N TRP A 12 3.61 18.75 -4.38
CA TRP A 12 2.66 17.89 -5.07
C TRP A 12 2.48 16.53 -4.41
N PHE A 13 3.28 16.21 -3.40
CA PHE A 13 3.20 14.91 -2.74
C PHE A 13 2.28 15.00 -1.53
N HIS A 14 1.22 14.21 -1.53
CA HIS A 14 0.26 14.17 -0.43
C HIS A 14 0.43 12.87 0.33
N PRO A 15 0.85 12.91 1.60
CA PRO A 15 1.20 11.67 2.30
C PRO A 15 0.02 10.89 2.86
N ASN A 16 -1.07 11.57 3.21
CA ASN A 16 -2.16 10.94 3.96
C ASN A 16 -3.49 11.10 3.24
N ILE A 17 -3.52 10.90 1.93
CA ILE A 17 -4.77 10.89 1.19
C ILE A 17 -4.90 9.56 0.46
N THR A 18 -6.14 9.15 0.22
CA THR A 18 -6.44 7.89 -0.43
C THR A 18 -6.70 8.12 -1.92
N GLY A 19 -7.07 7.04 -2.62
CA GLY A 19 -7.31 7.14 -4.05
C GLY A 19 -8.53 7.97 -4.38
N VAL A 20 -9.58 7.88 -3.55
CA VAL A 20 -10.80 8.64 -3.81
C VAL A 20 -10.55 10.13 -3.59
N GLU A 21 -9.86 10.48 -2.49
CA GLU A 21 -9.66 11.89 -2.16
C GLU A 21 -8.82 12.60 -3.21
N ALA A 22 -7.79 11.91 -3.75
CA ALA A 22 -6.94 12.50 -4.77
C ALA A 22 -7.75 12.87 -6.02
N GLU A 23 -8.80 12.09 -6.33
CA GLU A 23 -9.65 12.41 -7.47
C GLU A 23 -10.45 13.67 -7.21
N ASN A 24 -11.22 13.69 -6.12
CA ASN A 24 -12.07 14.84 -5.82
C ASN A 24 -11.25 16.11 -5.63
N LEU A 25 -9.99 15.99 -5.22
CA LEU A 25 -9.10 17.14 -5.18
C LEU A 25 -8.78 17.62 -6.59
N LEU A 26 -8.33 16.71 -7.46
CA LEU A 26 -8.03 17.09 -8.83
C LEU A 26 -9.28 17.47 -9.61
N LEU A 27 -10.43 16.93 -9.22
CA LEU A 27 -11.67 17.20 -9.94
C LEU A 27 -12.32 18.52 -9.55
N THR A 28 -12.04 19.03 -8.35
CA THR A 28 -12.65 20.26 -7.86
C THR A 28 -11.67 21.41 -7.75
N ARG A 29 -10.49 21.19 -7.16
CA ARG A 29 -9.52 22.25 -6.97
C ARG A 29 -8.38 22.21 -7.98
N GLY A 30 -8.55 21.45 -9.07
CA GLY A 30 -7.54 21.37 -10.10
C GLY A 30 -8.16 21.49 -11.49
N VAL A 31 -7.28 21.52 -12.49
CA VAL A 31 -7.66 21.62 -13.89
C VAL A 31 -6.84 20.63 -14.69
N ASP A 32 -7.09 20.58 -16.00
CA ASP A 32 -6.31 19.71 -16.88
C ASP A 32 -4.84 20.12 -16.87
N GLY A 33 -3.99 19.18 -16.50
CA GLY A 33 -2.58 19.45 -16.25
C GLY A 33 -2.20 19.35 -14.78
N SER A 34 -3.17 19.38 -13.88
CA SER A 34 -2.88 19.20 -12.47
C SER A 34 -2.47 17.76 -12.18
N PHE A 35 -1.56 17.61 -11.23
CA PHE A 35 -1.06 16.29 -10.86
C PHE A 35 -0.66 16.30 -9.40
N LEU A 36 -0.39 15.09 -8.88
CA LEU A 36 0.07 14.92 -7.52
C LEU A 36 0.53 13.48 -7.33
N ALA A 37 1.43 13.28 -6.37
CA ALA A 37 1.87 11.95 -5.99
C ALA A 37 1.42 11.65 -4.56
N ARG A 38 1.24 10.36 -4.28
CA ARG A 38 0.73 9.94 -2.99
C ARG A 38 1.19 8.51 -2.73
N PRO A 39 1.41 8.15 -1.47
CA PRO A 39 1.69 6.76 -1.15
C PRO A 39 0.42 6.00 -0.81
N SER A 40 0.44 4.71 -1.14
CA SER A 40 -0.59 3.80 -0.66
C SER A 40 -0.42 3.62 0.84
N LYS A 41 -1.38 4.11 1.62
CA LYS A 41 -1.36 3.88 3.07
C LYS A 41 -1.33 2.39 3.39
N SER A 42 -1.97 1.57 2.54
CA SER A 42 -2.10 0.13 2.76
C SER A 42 -0.77 -0.60 2.74
N ASN A 43 -0.15 -0.72 1.56
CA ASN A 43 1.08 -1.48 1.42
C ASN A 43 2.23 -0.56 1.11
N PRO A 44 3.30 -0.58 1.91
CA PRO A 44 4.43 0.30 1.66
C PRO A 44 5.18 -0.05 0.39
N GLY A 45 5.85 0.95 -0.16
CA GLY A 45 6.61 0.80 -1.37
C GLY A 45 5.85 1.12 -2.64
N ASP A 46 4.54 1.25 -2.57
CA ASP A 46 3.72 1.57 -3.74
C ASP A 46 3.30 3.04 -3.68
N PHE A 47 3.45 3.74 -4.80
CA PHE A 47 3.05 5.13 -4.93
C PHE A 47 2.21 5.29 -6.19
N THR A 48 1.37 6.33 -6.20
CA THR A 48 0.47 6.59 -7.30
C THR A 48 0.69 8.00 -7.81
N LEU A 49 0.63 8.17 -9.13
CA LEU A 49 0.74 9.47 -9.79
C LEU A 49 -0.62 9.79 -10.40
N SER A 50 -1.39 10.65 -9.72
CA SER A 50 -2.73 11.01 -10.16
C SER A 50 -2.65 12.27 -11.01
N VAL A 51 -3.01 12.17 -12.29
CA VAL A 51 -2.97 13.27 -13.24
C VAL A 51 -4.35 13.43 -13.86
N ARG A 52 -4.84 14.67 -13.89
CA ARG A 52 -6.12 14.98 -14.50
C ARG A 52 -5.89 15.40 -15.96
N ARG A 53 -6.52 14.68 -16.88
CA ARG A 53 -6.46 15.03 -18.30
C ARG A 53 -7.81 14.77 -18.94
N ASN A 54 -8.30 15.74 -19.71
CA ASN A 54 -9.58 15.65 -20.40
C ASN A 54 -10.73 15.42 -19.41
N GLY A 55 -10.75 16.24 -18.36
CA GLY A 55 -11.81 16.21 -17.36
C GLY A 55 -11.80 15.02 -16.43
N ALA A 56 -11.00 13.99 -16.71
CA ALA A 56 -10.92 12.81 -15.87
C ALA A 56 -9.52 12.69 -15.27
N VAL A 57 -9.43 11.91 -14.20
CA VAL A 57 -8.16 11.66 -13.51
C VAL A 57 -7.57 10.36 -14.04
N THR A 58 -6.24 10.32 -14.09
CA THR A 58 -5.51 9.14 -14.56
C THR A 58 -4.48 8.77 -13.50
N HIS A 59 -4.69 7.62 -12.86
CA HIS A 59 -3.77 7.13 -11.84
C HIS A 59 -2.69 6.26 -12.49
N ILE A 60 -1.45 6.49 -12.08
CA ILE A 60 -0.29 5.80 -12.64
C ILE A 60 0.52 5.25 -11.49
N LYS A 61 0.67 3.93 -11.47
CA LYS A 61 1.28 3.28 -10.33
C LYS A 61 2.80 3.36 -10.41
N ILE A 62 3.43 3.52 -9.25
CA ILE A 62 4.89 3.53 -9.12
C ILE A 62 5.26 2.49 -8.07
N GLN A 63 6.11 1.54 -8.45
CA GLN A 63 6.54 0.47 -7.56
C GLN A 63 8.00 0.62 -7.22
N ASN A 64 8.34 0.40 -5.93
CA ASN A 64 9.71 0.48 -5.46
C ASN A 64 9.92 -0.67 -4.47
N THR A 65 10.56 -1.73 -4.92
CA THR A 65 10.86 -2.88 -4.07
C THR A 65 12.15 -2.69 -3.27
N GLY A 66 12.88 -1.61 -3.50
CA GLY A 66 14.10 -1.36 -2.76
C GLY A 66 15.29 -1.01 -3.64
N ASP A 67 15.05 -0.87 -4.95
CA ASP A 67 16.10 -0.59 -5.90
C ASP A 67 15.89 0.68 -6.71
N TYR A 68 14.65 1.02 -7.04
CA TYR A 68 14.32 2.21 -7.82
C TYR A 68 12.81 2.38 -7.83
N TYR A 69 12.38 3.57 -8.25
CA TYR A 69 10.96 3.84 -8.48
C TYR A 69 10.60 3.44 -9.90
N ASP A 70 9.85 2.35 -10.04
CA ASP A 70 9.46 1.84 -11.35
C ASP A 70 8.11 2.41 -11.73
N LEU A 71 8.10 3.27 -12.74
CA LEU A 71 6.87 3.87 -13.26
C LEU A 71 6.29 2.93 -14.32
N TYR A 72 5.06 2.48 -14.09
CA TYR A 72 4.41 1.55 -15.01
C TYR A 72 4.10 2.26 -16.32
N GLY A 73 4.58 1.71 -17.43
CA GLY A 73 4.45 2.38 -18.71
C GLY A 73 5.39 3.56 -18.88
N GLY A 74 6.46 3.62 -18.10
CA GLY A 74 7.41 4.71 -18.18
C GLY A 74 8.84 4.26 -17.99
N GLU A 75 9.58 4.96 -17.12
CA GLU A 75 10.97 4.62 -16.87
C GLU A 75 11.25 4.44 -15.39
N LYS A 76 12.52 4.36 -15.02
CA LYS A 76 12.95 4.14 -13.64
C LYS A 76 13.75 5.34 -13.17
N PHE A 77 13.45 5.80 -11.94
CA PHE A 77 14.04 7.01 -11.42
C PHE A 77 14.58 6.78 -10.01
N ALA A 78 15.41 7.70 -9.56
CA ALA A 78 16.04 7.59 -8.25
C ALA A 78 15.19 8.20 -7.13
N THR A 79 14.56 9.35 -7.40
CA THR A 79 13.68 10.00 -6.44
C THR A 79 12.41 10.42 -7.15
N LEU A 80 11.34 10.61 -6.36
CA LEU A 80 10.10 11.15 -6.91
C LEU A 80 10.27 12.56 -7.41
N ALA A 81 11.27 13.30 -6.89
CA ALA A 81 11.55 14.64 -7.39
C ALA A 81 12.17 14.58 -8.78
N GLU A 82 13.20 13.74 -8.95
CA GLU A 82 13.83 13.61 -10.26
C GLU A 82 12.87 13.00 -11.28
N LEU A 83 11.88 12.24 -10.82
CA LEU A 83 10.87 11.71 -11.73
C LEU A 83 10.01 12.83 -12.30
N VAL A 84 9.43 13.65 -11.42
CA VAL A 84 8.57 14.75 -11.87
C VAL A 84 9.38 15.78 -12.65
N GLN A 85 10.60 16.07 -12.20
CA GLN A 85 11.45 17.02 -12.92
C GLN A 85 11.75 16.53 -14.33
N TYR A 86 11.91 15.21 -14.51
CA TYR A 86 12.20 14.68 -15.83
C TYR A 86 11.00 14.80 -16.76
N TYR A 87 9.78 14.71 -16.23
CA TYR A 87 8.60 14.72 -17.09
C TYR A 87 8.01 16.11 -17.29
N MET A 88 8.11 17.00 -16.30
CA MET A 88 7.68 18.38 -16.52
C MET A 88 8.52 19.07 -17.58
N GLU A 89 9.74 18.58 -17.83
CA GLU A 89 10.62 19.14 -18.84
C GLU A 89 10.81 18.20 -20.03
N HIS A 90 9.89 17.27 -20.23
CA HIS A 90 9.95 16.35 -21.36
C HIS A 90 8.53 16.01 -21.79
N HIS A 91 8.36 14.87 -22.47
CA HIS A 91 7.05 14.34 -22.84
C HIS A 91 6.97 12.82 -22.77
N GLY A 92 8.04 12.13 -22.41
CA GLY A 92 8.07 10.68 -22.57
C GLY A 92 7.10 9.89 -21.72
N GLN A 93 5.95 10.47 -21.40
CA GLN A 93 4.94 9.83 -20.57
C GLN A 93 3.64 9.77 -21.36
N LEU A 94 3.42 8.64 -22.04
CA LEU A 94 2.18 8.44 -22.79
C LEU A 94 1.28 7.43 -22.11
N VAL A 101 -0.69 11.26 -24.81
CA VAL A 101 0.35 11.74 -23.91
C VAL A 101 -0.24 12.30 -22.63
N ILE A 102 0.54 12.27 -21.55
CA ILE A 102 0.17 12.85 -20.27
C ILE A 102 1.00 14.09 -20.06
N GLU A 103 0.39 15.10 -19.43
CA GLU A 103 1.04 16.38 -19.19
C GLU A 103 1.08 16.66 -17.70
N LEU A 104 2.25 17.04 -17.22
CA LEU A 104 2.45 17.50 -15.84
C LEU A 104 2.63 19.01 -15.92
N LYS A 105 1.53 19.76 -15.75
CA LYS A 105 1.55 21.21 -15.90
C LYS A 105 1.49 21.93 -14.56
N TYR A 106 0.49 21.63 -13.74
CA TYR A 106 0.28 22.37 -12.48
C TYR A 106 0.37 21.41 -11.30
N PRO A 107 1.35 21.56 -10.41
CA PRO A 107 1.40 20.70 -9.22
C PRO A 107 0.39 21.15 -8.18
N LEU A 108 -0.52 20.25 -7.80
CA LEU A 108 -1.50 20.54 -6.76
C LEU A 108 -0.83 20.36 -5.40
N ASN A 109 -0.57 21.47 -4.72
CA ASN A 109 0.18 21.44 -3.47
C ASN A 109 -0.67 20.86 -2.35
N CYS A 110 0.01 20.36 -1.32
CA CYS A 110 -0.62 19.75 -0.16
C CYS A 110 -0.39 20.63 1.07
N ALA A 111 -1.39 20.62 1.96
CA ALA A 111 -1.34 21.43 3.17
C ALA A 111 -0.99 20.64 4.42
N ASP A 112 -1.04 19.31 4.37
CA ASP A 112 -0.76 18.47 5.53
C ASP A 112 0.68 18.68 5.98
N PRO A 113 0.93 19.17 7.20
CA PRO A 113 2.29 19.49 7.60
C PRO A 113 3.01 18.36 8.31
N THR A 114 2.53 17.13 8.15
CA THR A 114 3.13 16.01 8.87
C THR A 114 4.58 15.79 8.45
N SER A 115 4.90 16.00 7.18
CA SER A 115 6.24 15.76 6.68
C SER A 115 7.17 16.96 6.88
N GLU A 116 6.71 18.03 7.52
CA GLU A 116 7.57 19.15 7.84
C GLU A 116 8.46 18.80 9.03
N ARG A 117 9.70 19.29 8.98
CA ARG A 117 10.67 18.98 10.03
C ARG A 117 10.48 19.80 11.29
N TRP A 118 9.67 20.87 11.24
CA TRP A 118 9.41 21.68 12.41
C TRP A 118 8.09 21.35 13.09
N PHE A 119 7.21 20.60 12.43
CA PHE A 119 5.89 20.27 12.97
C PHE A 119 5.98 19.01 13.81
N HIS A 120 5.61 19.11 15.09
CA HIS A 120 5.70 17.98 16.01
C HIS A 120 4.34 17.55 16.54
N GLY A 121 3.29 17.76 15.73
CA GLY A 121 1.94 17.28 16.03
C GLY A 121 1.49 17.44 17.47
N HIS A 122 1.10 16.35 18.10
CA HIS A 122 0.68 16.35 19.49
C HIS A 122 1.93 16.46 20.37
N LEU A 123 2.17 17.65 20.89
CA LEU A 123 3.32 17.89 21.76
C LEU A 123 2.95 18.99 22.75
N SER A 124 3.05 18.68 24.04
CA SER A 124 2.63 19.61 25.08
C SER A 124 3.64 20.75 25.20
N GLY A 125 3.33 21.70 26.09
CA GLY A 125 4.17 22.86 26.30
C GLY A 125 5.36 22.62 27.21
N LYS A 126 5.17 21.84 28.28
CA LYS A 126 6.32 21.56 29.14
C LYS A 126 7.28 20.57 28.50
N GLU A 127 6.82 19.79 27.51
CA GLU A 127 7.75 19.02 26.69
C GLU A 127 8.45 19.88 25.65
N ALA A 128 7.74 20.87 25.11
CA ALA A 128 8.33 21.73 24.08
C ALA A 128 9.43 22.60 24.66
N GLU A 129 9.19 23.21 25.81
CA GLU A 129 10.23 23.98 26.48
C GLU A 129 11.40 23.09 26.90
N LYS A 130 11.11 21.84 27.24
CA LYS A 130 12.16 20.90 27.62
C LYS A 130 13.17 20.70 26.49
N LEU A 131 12.68 20.36 25.30
CA LEU A 131 13.59 20.08 24.19
C LEU A 131 14.26 21.35 23.67
N LEU A 132 13.55 22.48 23.73
CA LEU A 132 14.13 23.73 23.24
C LEU A 132 15.23 24.24 24.17
N THR A 133 15.03 24.10 25.48
CA THR A 133 16.04 24.58 26.42
C THR A 133 17.26 23.66 26.42
N GLU A 134 17.06 22.35 26.37
CA GLU A 134 18.16 21.42 26.47
C GLU A 134 18.93 21.29 25.16
N LYS A 135 18.22 21.08 24.06
CA LYS A 135 18.85 20.79 22.77
C LYS A 135 18.83 21.94 21.79
N GLY A 136 18.14 23.05 22.10
CA GLY A 136 17.98 24.12 21.14
C GLY A 136 19.14 25.11 21.15
N LYS A 137 19.12 25.98 20.15
CA LYS A 137 20.08 27.07 20.02
C LYS A 137 19.37 28.28 19.42
N HIS A 138 20.13 29.35 19.19
CA HIS A 138 19.56 30.58 18.64
C HIS A 138 18.94 30.34 17.27
N GLY A 139 17.61 30.40 17.19
CA GLY A 139 16.89 30.17 15.95
C GLY A 139 16.10 28.89 15.91
N SER A 140 16.30 27.98 16.87
CA SER A 140 15.53 26.75 16.89
C SER A 140 14.04 27.06 17.09
N PHE A 141 13.20 26.35 16.34
CA PHE A 141 11.77 26.58 16.41
C PHE A 141 11.04 25.29 16.08
N LEU A 142 9.78 25.21 16.52
CA LEU A 142 8.96 24.04 16.30
C LEU A 142 7.49 24.44 16.38
N VAL A 143 6.67 23.82 15.53
CA VAL A 143 5.23 24.03 15.51
C VAL A 143 4.57 22.79 16.10
N ARG A 144 3.50 23.01 16.86
CA ARG A 144 2.81 21.94 17.55
C ARG A 144 1.34 22.30 17.70
N GLU A 145 0.50 21.26 17.84
CA GLU A 145 -0.91 21.47 18.11
C GLU A 145 -1.09 22.19 19.45
N SER A 146 -2.19 22.92 19.57
CA SER A 146 -2.40 23.80 20.72
C SER A 146 -2.75 22.98 21.95
N GLN A 147 -1.93 23.11 23.00
CA GLN A 147 -2.19 22.46 24.28
C GLN A 147 -2.81 23.46 25.26
N SER A 148 -4.07 23.81 24.97
CA SER A 148 -4.85 24.76 25.74
C SER A 148 -6.20 24.99 25.06
N HIS A 149 -6.20 24.93 23.74
CA HIS A 149 -7.24 25.46 22.89
C HIS A 149 -7.98 24.28 22.25
N PRO A 150 -8.69 24.39 21.10
CA PRO A 150 -9.26 23.16 20.52
C PRO A 150 -8.40 22.51 19.45
N GLY A 151 -8.20 23.19 18.33
CA GLY A 151 -7.44 22.64 17.23
C GLY A 151 -6.49 23.63 16.59
N ASP A 152 -5.99 24.56 17.39
CA ASP A 152 -5.07 25.58 16.90
C ASP A 152 -3.63 25.05 17.00
N PHE A 153 -2.65 25.93 16.80
CA PHE A 153 -1.25 25.53 16.85
C PHE A 153 -0.44 26.62 17.54
N VAL A 154 0.68 26.20 18.12
CA VAL A 154 1.55 27.08 18.91
C VAL A 154 2.96 26.99 18.35
N LEU A 155 3.53 28.13 17.99
CA LEU A 155 4.92 28.23 17.57
C LEU A 155 5.80 28.62 18.75
N SER A 156 6.95 27.96 18.87
CA SER A 156 7.89 28.20 19.96
C SER A 156 9.27 28.43 19.37
N VAL A 157 9.88 29.57 19.72
CA VAL A 157 11.16 29.98 19.15
C VAL A 157 12.13 30.28 20.28
N ARG A 158 13.38 29.85 20.11
CA ARG A 158 14.44 30.10 21.06
C ARG A 158 15.46 31.06 20.46
N THR A 159 15.88 32.05 21.24
CA THR A 159 16.86 33.03 20.81
C THR A 159 17.83 33.32 21.94
N GLY A 160 19.11 33.46 21.61
CA GLY A 160 20.13 33.76 22.61
C GLY A 160 21.50 33.28 22.21
N ASP A 161 22.05 32.34 22.98
CA ASP A 161 23.36 31.75 22.67
C ASP A 161 23.20 30.34 22.12
N SER A 171 19.22 34.10 26.75
CA SER A 171 18.43 33.11 26.05
C SER A 171 17.04 32.97 26.66
N LYS A 172 16.04 32.78 25.81
CA LYS A 172 14.66 32.65 26.25
C LYS A 172 13.90 31.75 25.27
N VAL A 173 12.62 31.54 25.55
CA VAL A 173 11.75 30.74 24.69
C VAL A 173 10.43 31.48 24.51
N THR A 174 10.22 32.08 23.34
CA THR A 174 9.02 32.83 23.05
C THR A 174 7.98 31.92 22.38
N HIS A 175 6.75 32.00 22.83
CA HIS A 175 5.64 31.22 22.29
C HIS A 175 4.71 32.13 21.51
N VAL A 176 4.39 31.74 20.28
CA VAL A 176 3.52 32.51 19.41
C VAL A 176 2.31 31.64 19.05
N MET A 177 1.13 32.08 19.47
CA MET A 177 -0.10 31.33 19.21
C MET A 177 -0.55 31.52 17.77
N ILE A 178 -0.95 30.42 17.14
CA ILE A 178 -1.46 30.43 15.77
C ILE A 178 -2.90 29.96 15.81
N ARG A 179 -3.78 30.73 15.17
CA ARG A 179 -5.21 30.42 15.15
C ARG A 179 -5.57 29.63 13.90
N CYS A 180 -6.74 28.99 13.96
CA CYS A 180 -7.33 28.32 12.80
C CYS A 180 -8.73 28.90 12.62
N GLN A 181 -8.86 29.90 11.74
CA GLN A 181 -10.10 30.62 11.52
C GLN A 181 -10.53 30.42 10.09
N GLU A 182 -11.52 29.54 9.88
CA GLU A 182 -12.09 29.25 8.56
C GLU A 182 -11.02 28.73 7.60
N LEU A 183 -10.41 27.61 7.99
CA LEU A 183 -9.41 26.91 7.20
C LEU A 183 -8.16 27.75 6.92
N LYS A 184 -7.95 28.81 7.69
CA LYS A 184 -6.79 29.67 7.52
C LYS A 184 -6.09 29.85 8.85
N TYR A 185 -4.77 30.02 8.79
CA TYR A 185 -3.93 30.16 9.97
C TYR A 185 -3.32 31.55 10.03
N ASP A 186 -3.23 32.10 11.24
CA ASP A 186 -2.68 33.43 11.44
C ASP A 186 -2.17 33.54 12.87
N VAL A 187 -1.40 34.59 13.12
CA VAL A 187 -0.80 34.82 14.43
C VAL A 187 -1.55 35.93 15.16
N GLY A 188 -2.85 36.06 14.87
CA GLY A 188 -3.65 37.07 15.52
C GLY A 188 -3.61 38.44 14.87
N GLY A 189 -3.12 38.51 13.64
CA GLY A 189 -3.06 39.77 12.92
C GLY A 189 -2.19 39.72 11.68
N GLY A 190 -2.63 40.39 10.63
CA GLY A 190 -1.88 40.42 9.39
C GLY A 190 -2.53 39.54 8.33
N GLU A 191 -1.73 38.67 7.72
CA GLU A 191 -2.22 37.80 6.66
C GLU A 191 -2.78 36.51 7.23
N ARG A 192 -3.70 35.90 6.48
CA ARG A 192 -4.29 34.62 6.80
C ARG A 192 -3.83 33.61 5.76
N PHE A 193 -3.02 32.64 6.19
CA PHE A 193 -2.41 31.70 5.27
C PHE A 193 -3.25 30.44 5.14
N ASP A 194 -3.19 29.82 3.96
CA ASP A 194 -3.98 28.62 3.68
C ASP A 194 -3.38 27.37 4.31
N SER A 195 -2.10 27.39 4.66
CA SER A 195 -1.45 26.23 5.25
C SER A 195 -0.39 26.68 6.23
N LEU A 196 -0.06 25.79 7.18
CA LEU A 196 0.97 26.10 8.16
C LEU A 196 2.31 26.37 7.50
N THR A 197 2.61 25.66 6.40
CA THR A 197 3.87 25.86 5.71
C THR A 197 3.99 27.28 5.18
N ASP A 198 2.93 27.78 4.54
CA ASP A 198 2.94 29.15 4.03
C ASP A 198 3.07 30.16 5.15
N LEU A 199 2.54 29.86 6.33
CA LEU A 199 2.73 30.74 7.47
C LEU A 199 4.16 30.70 7.97
N VAL A 200 4.72 29.49 8.11
CA VAL A 200 6.09 29.34 8.57
C VAL A 200 7.05 29.96 7.56
N GLU A 201 6.96 29.51 6.29
CA GLU A 201 7.86 30.01 5.26
C GLU A 201 7.80 31.51 5.12
N HIS A 202 6.65 32.12 5.41
CA HIS A 202 6.53 33.57 5.34
C HIS A 202 7.37 34.25 6.42
N TYR A 203 7.25 33.77 7.66
CA TYR A 203 7.97 34.39 8.77
C TYR A 203 9.42 33.93 8.88
N LYS A 204 9.81 32.87 8.17
CA LYS A 204 11.23 32.65 7.92
C LYS A 204 11.79 33.67 6.94
N LYS A 205 10.92 34.29 6.14
CA LYS A 205 11.31 35.37 5.24
C LYS A 205 11.05 36.74 5.82
N ASN A 206 10.12 36.86 6.77
CA ASN A 206 9.82 38.13 7.43
C ASN A 206 9.66 37.85 8.92
N PRO A 207 10.77 37.84 9.66
CA PRO A 207 10.72 37.41 11.07
C PRO A 207 9.87 38.36 11.91
N MET A 208 9.05 37.77 12.78
CA MET A 208 8.29 38.55 13.73
C MET A 208 9.22 39.31 14.66
N VAL A 209 8.95 40.59 14.84
CA VAL A 209 9.77 41.46 15.67
C VAL A 209 8.94 41.90 16.87
N GLU A 210 9.40 41.55 18.07
CA GLU A 210 8.71 41.98 19.28
C GLU A 210 8.85 43.50 19.45
N THR A 211 8.00 44.03 20.32
CA THR A 211 7.95 45.48 20.51
C THR A 211 9.25 46.06 21.07
N LEU A 212 10.10 45.23 21.68
CA LEU A 212 11.31 45.72 22.34
C LEU A 212 12.58 45.30 21.63
N GLY A 213 12.50 44.98 20.33
CA GLY A 213 13.66 44.70 19.52
C GLY A 213 13.95 43.24 19.30
N THR A 214 13.44 42.35 20.15
CA THR A 214 13.66 40.93 19.98
C THR A 214 13.03 40.45 18.67
N VAL A 215 13.86 39.85 17.82
CA VAL A 215 13.43 39.37 16.50
C VAL A 215 13.25 37.86 16.59
N LEU A 216 12.10 37.37 16.10
CA LEU A 216 11.79 35.94 16.13
C LEU A 216 12.34 35.29 14.86
N GLN A 217 13.63 34.97 14.91
CA GLN A 217 14.32 34.37 13.78
C GLN A 217 14.09 32.86 13.77
N LEU A 218 13.76 32.32 12.59
CA LEU A 218 13.53 30.90 12.40
C LEU A 218 14.71 30.33 11.64
N LYS A 219 15.82 30.13 12.36
CA LYS A 219 17.06 29.69 11.72
C LYS A 219 16.95 28.26 11.22
N GLN A 220 16.62 27.33 12.11
CA GLN A 220 16.50 25.93 11.74
C GLN A 220 15.49 25.26 12.66
N PRO A 221 14.80 24.22 12.19
CA PRO A 221 13.88 23.49 13.08
C PRO A 221 14.64 22.80 14.20
N LEU A 222 13.90 22.44 15.25
CA LEU A 222 14.53 21.80 16.40
C LEU A 222 14.88 20.36 16.09
N ASN A 223 16.12 19.98 16.39
CA ASN A 223 16.56 18.61 16.19
C ASN A 223 15.90 17.70 17.21
N THR A 224 15.31 16.61 16.72
CA THR A 224 14.77 15.57 17.59
C THR A 224 15.20 14.18 17.16
N THR A 225 15.98 14.04 16.09
CA THR A 225 16.44 12.75 15.61
C THR A 225 17.85 12.42 16.07
N ARG A 226 18.61 13.40 16.56
CA ARG A 226 19.96 13.15 17.05
C ARG A 226 19.90 12.55 18.44
N ILE A 227 20.41 11.33 18.58
CA ILE A 227 20.36 10.61 19.86
C ILE A 227 21.76 10.08 20.19
N ASN A 228 21.96 9.80 21.48
CA ASN A 228 23.15 9.09 21.90
C ASN A 228 23.08 7.65 21.38
N ALA A 229 24.23 7.11 20.99
CA ALA A 229 24.25 5.76 20.43
C ALA A 229 23.80 4.71 21.45
N ALA A 230 23.92 4.98 22.74
CA ALA A 230 23.49 4.03 23.75
C ALA A 230 21.97 3.90 23.77
N GLU A 231 21.26 5.03 23.77
CA GLU A 231 19.80 5.04 23.82
C GLU A 231 19.15 4.70 22.48
N ILE A 232 19.75 3.79 21.71
CA ILE A 232 19.22 3.48 20.38
C ILE A 232 17.99 2.59 20.47
N GLU A 233 17.92 1.68 21.44
CA GLU A 233 16.81 0.75 21.51
C GLU A 233 15.51 1.46 21.87
N SER A 234 15.58 2.46 22.76
CA SER A 234 14.37 3.17 23.16
C SER A 234 13.79 3.96 22.00
N ARG A 235 14.64 4.53 21.15
CA ARG A 235 14.14 5.26 19.98
C ARG A 235 13.49 4.31 18.98
N VAL A 236 14.07 3.12 18.79
CA VAL A 236 13.43 2.11 17.95
C VAL A 236 12.12 1.66 18.57
N ARG A 237 12.04 1.63 19.90
CA ARG A 237 10.79 1.29 20.57
C ARG A 237 9.72 2.35 20.32
N GLU A 238 10.12 3.62 20.26
CA GLU A 238 9.16 4.69 19.99
C GLU A 238 8.70 4.67 18.55
N LEU A 239 9.64 4.62 17.61
CA LEU A 239 9.31 4.68 16.18
C LEU A 239 8.49 3.49 15.72
N SER A 240 8.36 2.44 16.54
CA SER A 240 7.60 1.26 16.18
C SER A 240 6.19 1.25 16.73
N LYS A 241 5.77 2.31 17.42
CA LYS A 241 4.44 2.36 18.02
C LYS A 241 3.35 2.43 16.96
N GLY A 252 5.66 5.75 13.54
CA GLY A 252 6.84 6.50 13.91
C GLY A 252 7.91 6.51 12.83
N PHE A 253 8.34 5.30 12.42
CA PHE A 253 9.33 5.19 11.35
C PHE A 253 8.82 5.84 10.07
N TRP A 254 7.57 5.55 9.70
CA TRP A 254 7.01 6.07 8.45
C TRP A 254 6.97 7.59 8.46
N GLU A 255 6.63 8.19 9.60
CA GLU A 255 6.54 9.65 9.67
C GLU A 255 7.91 10.30 9.55
N GLU A 256 8.93 9.72 10.19
CA GLU A 256 10.26 10.31 10.12
C GLU A 256 10.88 10.11 8.75
N PHE A 257 10.63 8.95 8.11
CA PHE A 257 11.20 8.69 6.81
C PHE A 257 10.64 9.64 5.75
N GLU A 258 9.31 9.78 5.71
CA GLU A 258 8.71 10.71 4.75
C GLU A 258 9.11 12.15 5.04
N THR A 259 9.33 12.48 6.32
CA THR A 259 9.87 13.79 6.65
C THR A 259 11.24 14.01 6.01
N LEU A 260 12.07 12.97 6.02
CA LEU A 260 13.35 13.05 5.32
C LEU A 260 13.14 13.05 3.80
N GLN A 261 12.18 12.26 3.32
CA GLN A 261 11.92 12.17 1.89
C GLN A 261 11.48 13.51 1.31
N GLN A 262 10.81 14.33 2.11
CA GLN A 262 10.39 15.64 1.62
C GLN A 262 11.57 16.56 1.32
N GLN A 263 12.73 16.31 1.95
CA GLN A 263 13.91 17.12 1.72
C GLN A 263 14.73 16.68 0.52
N GLU A 264 14.27 15.65 -0.20
CA GLU A 264 14.94 15.26 -1.45
C GLU A 264 14.85 16.33 -2.52
N CYS A 265 13.99 17.34 -2.32
CA CYS A 265 13.83 18.39 -3.32
C CYS A 265 15.08 19.25 -3.45
N LYS A 266 15.80 19.47 -2.35
CA LYS A 266 17.03 20.27 -2.35
C LYS A 266 18.25 19.48 -2.83
N LEU A 267 18.04 18.35 -3.50
CA LEU A 267 19.14 17.49 -3.96
C LEU A 267 19.13 17.32 -5.47
N LEU A 268 18.44 18.20 -6.21
CA LEU A 268 18.35 18.09 -7.66
C LEU A 268 19.57 18.71 -8.34
N TYR A 269 20.73 18.11 -8.05
CA TYR A 269 21.97 18.57 -8.64
C TYR A 269 22.04 18.17 -10.12
N SER A 270 23.05 18.71 -10.81
CA SER A 270 23.17 18.51 -12.24
C SER A 270 23.68 17.11 -12.57
N ARG A 271 23.23 16.58 -13.69
CA ARG A 271 23.63 15.28 -14.20
C ARG A 271 23.92 15.38 -15.70
N LYS A 272 24.75 16.37 -16.07
CA LYS A 272 24.98 16.67 -17.47
C LYS A 272 25.80 15.59 -18.15
N GLU A 273 26.97 15.27 -17.59
CA GLU A 273 27.85 14.28 -18.20
C GLU A 273 27.20 12.91 -18.33
N GLY A 274 26.19 12.61 -17.51
CA GLY A 274 25.45 11.38 -17.67
C GLY A 274 24.40 11.43 -18.75
N GLN A 275 23.84 12.61 -19.01
CA GLN A 275 22.82 12.77 -20.04
C GLN A 275 23.41 12.95 -21.43
N ARG A 276 24.72 13.07 -21.56
CA ARG A 276 25.33 13.24 -22.87
C ARG A 276 25.07 12.02 -23.75
N GLN A 277 24.96 12.27 -25.05
CA GLN A 277 24.63 11.19 -25.99
C GLN A 277 25.65 10.06 -25.93
N GLU A 278 26.94 10.42 -25.83
CA GLU A 278 27.99 9.40 -25.85
C GLU A 278 27.98 8.53 -24.61
N ASN A 279 27.33 8.95 -23.54
CA ASN A 279 27.28 8.20 -22.29
C ASN A 279 25.91 7.58 -22.03
N LYS A 280 25.02 7.60 -23.02
CA LYS A 280 23.66 7.13 -22.78
C LYS A 280 23.61 5.62 -22.57
N ASN A 281 24.36 4.85 -23.36
CA ASN A 281 24.40 3.41 -23.23
C ASN A 281 25.52 2.92 -22.32
N LYS A 282 25.99 3.78 -21.42
CA LYS A 282 26.91 3.37 -20.35
C LYS A 282 26.22 3.29 -19.00
N ASN A 283 24.95 3.68 -18.91
CA ASN A 283 24.18 3.62 -17.68
C ASN A 283 23.24 2.42 -17.76
N ARG A 284 23.20 1.63 -16.68
CA ARG A 284 22.29 0.48 -16.64
C ARG A 284 20.85 0.93 -16.77
N TYR A 285 20.51 2.08 -16.20
CA TYR A 285 19.19 2.68 -16.33
C TYR A 285 19.33 4.08 -16.92
N LYS A 286 18.41 4.42 -17.83
CA LYS A 286 18.57 5.62 -18.64
C LYS A 286 18.61 6.88 -17.78
N ASN A 287 17.79 6.94 -16.74
CA ASN A 287 17.61 8.18 -15.96
C ASN A 287 18.09 8.05 -14.52
N ILE A 288 18.91 7.05 -14.22
CA ILE A 288 19.58 6.94 -12.92
C ILE A 288 21.03 7.30 -13.19
N LEU A 289 21.35 8.57 -12.99
CA LEU A 289 22.61 9.14 -13.44
C LEU A 289 23.38 9.73 -12.27
N PRO A 290 24.70 9.77 -12.36
CA PRO A 290 25.51 10.34 -11.27
C PRO A 290 25.46 11.85 -11.24
N PHE A 291 25.51 12.38 -10.02
CA PHE A 291 25.71 13.82 -9.84
C PHE A 291 27.03 14.24 -10.46
N ASP A 292 27.04 15.44 -11.05
CA ASP A 292 28.25 15.94 -11.69
C ASP A 292 29.32 16.39 -10.70
N HIS A 293 28.95 16.63 -9.43
CA HIS A 293 29.91 17.14 -8.46
C HIS A 293 30.69 16.04 -7.74
N THR A 294 30.23 14.79 -7.81
CA THR A 294 30.92 13.69 -7.15
C THR A 294 31.13 12.49 -8.07
N ARG A 295 30.88 12.63 -9.37
CA ARG A 295 31.07 11.52 -10.29
C ARG A 295 32.54 11.15 -10.37
N VAL A 296 32.79 9.84 -10.53
CA VAL A 296 34.15 9.35 -10.67
C VAL A 296 34.62 9.61 -12.10
N VAL A 297 35.70 10.37 -12.22
CA VAL A 297 36.23 10.78 -13.51
C VAL A 297 37.34 9.83 -13.92
N LEU A 298 37.15 9.13 -15.03
CA LEU A 298 38.13 8.17 -15.52
C LEU A 298 39.26 8.92 -16.23
N HIS A 299 40.46 8.87 -15.64
CA HIS A 299 41.63 9.50 -16.22
C HIS A 299 42.43 8.48 -17.04
N ASP A 300 43.44 8.99 -17.76
CA ASP A 300 44.36 8.18 -18.54
C ASP A 300 43.60 7.27 -19.51
N GLY A 301 42.77 7.91 -20.35
CA GLY A 301 41.94 7.19 -21.29
C GLY A 301 42.60 7.02 -22.64
N ASP A 302 41.90 6.30 -23.51
CA ASP A 302 42.38 6.04 -24.86
C ASP A 302 42.30 7.32 -25.68
N PRO A 303 43.43 7.84 -26.19
CA PRO A 303 43.36 9.03 -27.05
C PRO A 303 42.63 8.80 -28.36
N ASN A 304 42.36 7.56 -28.74
CA ASN A 304 41.59 7.26 -29.93
C ASN A 304 40.11 7.01 -29.64
N GLU A 305 39.75 6.79 -28.38
CA GLU A 305 38.34 6.79 -27.99
C GLU A 305 37.92 8.22 -27.67
N PRO A 306 36.95 8.77 -28.40
CA PRO A 306 36.67 10.22 -28.26
C PRO A 306 36.17 10.60 -26.87
N VAL A 307 35.56 9.67 -26.14
CA VAL A 307 35.01 9.96 -24.82
C VAL A 307 35.13 8.74 -23.92
N SER A 308 36.08 8.76 -22.99
CA SER A 308 36.34 7.64 -22.10
C SER A 308 36.73 8.17 -20.72
N ASP A 309 35.86 8.98 -20.13
CA ASP A 309 36.05 9.48 -18.78
C ASP A 309 34.79 9.34 -17.93
N TYR A 310 33.78 8.61 -18.40
CA TYR A 310 32.51 8.50 -17.73
C TYR A 310 32.25 7.08 -17.24
N ILE A 311 31.60 6.99 -16.08
CA ILE A 311 31.16 5.72 -15.51
C ILE A 311 30.13 6.05 -14.43
N ASN A 312 29.01 5.32 -14.41
CA ASN A 312 27.95 5.57 -13.45
C ASN A 312 28.46 5.21 -12.06
N ALA A 313 29.15 6.16 -11.44
CA ALA A 313 29.74 5.97 -10.12
C ALA A 313 29.95 7.33 -9.47
N ASN A 314 29.88 7.37 -8.14
CA ASN A 314 30.02 8.60 -7.38
C ASN A 314 30.95 8.39 -6.21
N ILE A 315 31.66 9.45 -5.83
CA ILE A 315 32.47 9.46 -4.62
C ILE A 315 31.56 9.65 -3.42
N ILE A 316 31.82 8.91 -2.35
CA ILE A 316 31.03 8.99 -1.12
C ILE A 316 31.98 9.37 0.01
N MET A 317 31.81 10.57 0.55
CA MET A 317 32.60 11.03 1.68
C MET A 317 31.77 11.05 2.94
N PRO A 318 32.25 10.47 4.04
CA PRO A 318 31.54 10.57 5.31
C PRO A 318 31.79 11.91 5.98
N GLU A 319 31.00 12.18 7.02
CA GLU A 319 30.96 13.47 7.72
C GLU A 319 31.22 14.62 6.76
N PHE A 320 30.37 14.72 5.74
CA PHE A 320 30.64 15.55 4.57
C PHE A 320 29.73 16.77 4.53
N LYS A 330 40.07 8.31 6.16
CA LYS A 330 38.92 8.14 7.04
C LYS A 330 37.82 7.33 6.37
N LYS A 331 38.24 6.42 5.49
CA LYS A 331 37.36 5.50 4.78
C LYS A 331 36.44 6.22 3.80
N SER A 332 36.62 5.95 2.51
CA SER A 332 35.78 6.50 1.45
C SER A 332 35.11 5.38 0.69
N TYR A 333 34.11 5.73 -0.12
CA TYR A 333 33.34 4.75 -0.87
C TYR A 333 33.18 5.23 -2.32
N ILE A 334 32.74 4.30 -3.16
CA ILE A 334 32.35 4.59 -4.53
C ILE A 334 31.08 3.82 -4.85
N ALA A 335 29.94 4.52 -4.89
CA ALA A 335 28.67 3.90 -5.18
C ALA A 335 28.48 3.87 -6.69
N THR A 336 28.54 2.68 -7.28
CA THR A 336 28.44 2.48 -8.71
C THR A 336 27.32 1.49 -9.02
N GLN A 337 27.10 1.23 -10.30
CA GLN A 337 26.03 0.37 -10.77
C GLN A 337 26.56 -1.02 -11.11
N GLY A 338 25.62 -1.95 -11.28
CA GLY A 338 25.96 -3.26 -11.80
C GLY A 338 26.49 -3.14 -13.21
N CYS A 339 27.65 -3.73 -13.48
CA CYS A 339 28.33 -3.51 -14.75
C CYS A 339 27.52 -4.05 -15.91
N LEU A 340 27.41 -3.24 -16.96
CA LEU A 340 26.95 -3.72 -18.25
C LEU A 340 28.12 -4.41 -18.97
N GLN A 341 27.80 -5.06 -20.09
CA GLN A 341 28.84 -5.75 -20.85
C GLN A 341 29.83 -4.75 -21.44
N ASN A 342 29.41 -3.52 -21.69
CA ASN A 342 30.25 -2.50 -22.29
C ASN A 342 30.89 -1.56 -21.27
N THR A 343 30.66 -1.81 -19.98
CA THR A 343 31.24 -0.98 -18.92
C THR A 343 32.24 -1.73 -18.06
N VAL A 344 32.52 -3.00 -18.36
CA VAL A 344 33.44 -3.78 -17.54
C VAL A 344 34.85 -3.20 -17.60
N ASN A 345 35.31 -2.84 -18.80
CA ASN A 345 36.62 -2.24 -18.95
C ASN A 345 36.72 -0.92 -18.19
N ASP A 346 35.66 -0.11 -18.24
CA ASP A 346 35.65 1.15 -17.51
C ASP A 346 35.60 0.90 -16.00
N PHE A 347 34.88 -0.15 -15.58
CA PHE A 347 34.80 -0.47 -14.16
C PHE A 347 36.17 -0.79 -13.59
N TRP A 348 36.92 -1.66 -14.27
CA TRP A 348 38.25 -2.02 -13.77
C TRP A 348 39.22 -0.85 -13.85
N ARG A 349 39.05 0.03 -14.84
CA ARG A 349 39.85 1.25 -14.87
C ARG A 349 39.61 2.11 -13.64
N MET A 350 38.38 2.08 -13.10
CA MET A 350 38.09 2.84 -11.89
C MET A 350 38.74 2.19 -10.67
N VAL A 351 38.63 0.86 -10.54
CA VAL A 351 39.20 0.15 -9.42
C VAL A 351 40.71 0.33 -9.37
N PHE A 352 41.34 0.50 -10.54
CA PHE A 352 42.78 0.71 -10.60
C PHE A 352 43.15 2.16 -10.34
N GLN A 353 42.49 3.09 -11.05
CA GLN A 353 42.86 4.50 -10.93
C GLN A 353 42.58 5.06 -9.53
N GLU A 354 41.58 4.53 -8.84
CA GLU A 354 41.24 4.98 -7.50
C GLU A 354 41.95 4.19 -6.42
N ASN A 355 42.79 3.22 -6.79
CA ASN A 355 43.57 2.41 -5.85
C ASN A 355 42.65 1.65 -4.88
N SER A 356 41.46 1.29 -5.34
CA SER A 356 40.54 0.52 -4.51
C SER A 356 41.09 -0.88 -4.26
N ARG A 357 40.72 -1.44 -3.13
CA ARG A 357 41.18 -2.77 -2.73
C ARG A 357 40.07 -3.72 -2.34
N VAL A 358 38.85 -3.25 -2.08
CA VAL A 358 37.72 -4.09 -1.69
C VAL A 358 36.53 -3.73 -2.56
N ILE A 359 35.78 -4.75 -2.99
CA ILE A 359 34.57 -4.56 -3.77
C ILE A 359 33.43 -5.28 -3.06
N VAL A 360 32.39 -4.54 -2.70
CA VAL A 360 31.22 -5.08 -2.03
C VAL A 360 30.08 -5.14 -3.03
N MET A 361 29.70 -6.34 -3.44
CA MET A 361 28.62 -6.57 -4.39
C MET A 361 27.43 -7.17 -3.65
N THR A 362 26.26 -6.54 -3.79
CA THR A 362 25.08 -6.89 -3.03
C THR A 362 23.93 -7.28 -3.94
N THR A 363 24.23 -7.98 -5.03
CA THR A 363 23.19 -8.43 -5.95
C THR A 363 23.68 -9.67 -6.69
N LYS A 364 22.75 -10.58 -6.96
CA LYS A 364 23.05 -11.68 -7.86
C LYS A 364 23.16 -11.15 -9.28
N GLU A 365 23.87 -11.90 -10.13
CA GLU A 365 24.04 -11.47 -11.52
C GLU A 365 22.70 -11.36 -12.23
N VAL A 366 21.71 -12.15 -11.82
CA VAL A 366 20.36 -12.07 -12.38
C VAL A 366 19.37 -12.24 -11.23
N GLU A 367 18.45 -11.29 -11.10
CA GLU A 367 17.38 -11.37 -10.11
C GLU A 367 16.06 -11.00 -10.78
N ARG A 368 15.03 -11.77 -10.47
CA ARG A 368 13.69 -11.61 -11.07
C ARG A 368 13.72 -11.79 -12.58
N GLY A 369 14.57 -12.69 -13.08
CA GLY A 369 14.67 -12.96 -14.49
C GLY A 369 15.33 -11.89 -15.33
N LYS A 370 15.55 -10.70 -14.78
CA LYS A 370 16.20 -9.61 -15.49
C LYS A 370 17.67 -9.52 -15.07
N SER A 371 18.46 -8.90 -15.94
CA SER A 371 19.89 -8.75 -15.68
C SER A 371 20.14 -7.59 -14.73
N LYS A 372 20.90 -7.85 -13.66
CA LYS A 372 21.29 -6.82 -12.70
C LYS A 372 22.77 -6.49 -12.75
N CYS A 373 23.61 -7.42 -13.19
CA CYS A 373 25.05 -7.20 -13.30
C CYS A 373 25.70 -8.33 -14.09
N VAL A 374 26.51 -7.99 -15.09
CA VAL A 374 27.22 -9.01 -15.86
C VAL A 374 28.47 -9.42 -15.10
N LYS A 375 28.88 -10.66 -15.30
CA LYS A 375 30.04 -11.21 -14.61
C LYS A 375 31.31 -10.46 -14.99
N TYR A 376 31.70 -9.48 -14.19
CA TYR A 376 32.85 -8.65 -14.46
C TYR A 376 34.15 -9.23 -13.90
N TRP A 377 34.10 -10.42 -13.31
CA TRP A 377 35.28 -11.06 -12.77
C TRP A 377 35.56 -12.36 -13.51
N PRO A 378 36.83 -12.78 -13.58
CA PRO A 378 37.15 -14.04 -14.26
C PRO A 378 36.73 -15.25 -13.43
N ASP A 379 36.65 -16.40 -14.09
CA ASP A 379 36.43 -17.64 -13.39
C ASP A 379 37.60 -17.93 -12.46
N GLU A 380 37.34 -18.76 -11.44
CA GLU A 380 38.37 -19.05 -10.45
C GLU A 380 39.56 -19.72 -11.12
N TYR A 381 40.76 -19.37 -10.64
CA TYR A 381 42.05 -19.85 -11.15
C TYR A 381 42.32 -19.42 -12.58
N ALA A 382 41.55 -18.47 -13.11
CA ALA A 382 41.70 -18.02 -14.49
C ALA A 382 42.14 -16.56 -14.53
N LEU A 383 42.71 -16.18 -15.66
CA LEU A 383 43.25 -14.84 -15.88
C LEU A 383 42.60 -14.24 -17.12
N LYS A 384 41.99 -13.06 -16.95
CA LYS A 384 41.31 -12.37 -18.05
C LYS A 384 41.86 -10.96 -18.21
N GLU A 385 41.77 -10.45 -19.44
CA GLU A 385 42.16 -9.09 -19.75
C GLU A 385 40.90 -8.28 -20.07
N TYR A 386 40.72 -7.17 -19.36
CA TYR A 386 39.58 -6.27 -19.57
C TYR A 386 40.14 -4.95 -20.12
N GLY A 387 40.45 -4.96 -21.40
CA GLY A 387 41.04 -3.80 -22.03
C GLY A 387 42.49 -3.60 -21.61
N VAL A 388 42.77 -2.48 -20.96
CA VAL A 388 44.13 -2.19 -20.48
C VAL A 388 44.41 -2.78 -19.11
N MET A 389 43.44 -3.45 -18.49
CA MET A 389 43.58 -4.00 -17.15
C MET A 389 43.55 -5.52 -17.20
N ARG A 390 44.29 -6.14 -16.30
CA ARG A 390 44.39 -7.60 -16.22
C ARG A 390 43.95 -8.04 -14.83
N VAL A 391 43.18 -9.14 -14.78
CA VAL A 391 42.60 -9.63 -13.52
C VAL A 391 42.75 -11.15 -13.47
N ARG A 392 43.28 -11.65 -12.35
CA ARG A 392 43.37 -13.08 -12.08
C ARG A 392 42.57 -13.41 -10.83
N ASN A 393 41.75 -14.45 -10.90
CA ASN A 393 40.98 -14.94 -9.76
C ASN A 393 41.86 -15.91 -8.99
N VAL A 394 42.46 -15.42 -7.91
CA VAL A 394 43.37 -16.25 -7.12
C VAL A 394 42.62 -17.39 -6.46
N LYS A 395 41.65 -17.07 -5.61
CA LYS A 395 40.92 -18.07 -4.85
C LYS A 395 39.53 -17.55 -4.52
N GLU A 396 38.55 -18.45 -4.55
CA GLU A 396 37.17 -18.14 -4.17
C GLU A 396 36.84 -18.87 -2.88
N SER A 397 36.26 -18.15 -1.92
CA SER A 397 35.90 -18.69 -0.62
C SER A 397 34.42 -18.45 -0.37
N ALA A 398 33.67 -19.53 -0.17
CA ALA A 398 32.23 -19.45 0.01
C ALA A 398 31.88 -19.50 1.48
N ALA A 399 31.20 -18.45 1.97
CA ALA A 399 30.70 -18.40 3.32
C ALA A 399 29.20 -18.71 3.30
N HIS A 400 28.53 -18.48 4.43
CA HIS A 400 27.09 -18.74 4.50
C HIS A 400 26.31 -17.70 3.71
N ASP A 401 26.66 -16.43 3.86
CA ASP A 401 25.89 -15.34 3.26
C ASP A 401 26.62 -14.63 2.14
N TYR A 402 27.86 -15.01 1.83
CA TYR A 402 28.62 -14.30 0.80
C TYR A 402 29.71 -15.21 0.26
N THR A 403 30.29 -14.79 -0.87
CA THR A 403 31.44 -15.45 -1.48
C THR A 403 32.58 -14.45 -1.57
N LEU A 404 33.77 -14.88 -1.16
CA LEU A 404 34.96 -14.04 -1.17
C LEU A 404 35.83 -14.41 -2.37
N ARG A 405 36.13 -13.44 -3.22
CA ARG A 405 36.94 -13.65 -4.42
C ARG A 405 38.21 -12.81 -4.31
N GLU A 406 39.31 -13.46 -3.94
CA GLU A 406 40.61 -12.79 -3.96
C GLU A 406 41.08 -12.66 -5.40
N LEU A 407 41.24 -11.42 -5.87
CA LEU A 407 41.57 -11.15 -7.27
C LEU A 407 42.89 -10.40 -7.37
N LYS A 408 43.58 -10.62 -8.47
CA LYS A 408 44.88 -10.01 -8.75
C LYS A 408 44.71 -9.02 -9.89
N LEU A 409 44.82 -7.73 -9.59
CA LEU A 409 44.60 -6.66 -10.55
C LEU A 409 45.92 -6.04 -10.98
N SER A 410 46.14 -5.97 -12.29
CA SER A 410 47.35 -5.37 -12.83
C SER A 410 47.01 -4.69 -14.16
N LYS A 411 47.86 -3.74 -14.55
CA LYS A 411 47.70 -3.01 -15.80
C LYS A 411 48.67 -3.56 -16.85
N VAL A 412 48.16 -3.72 -18.07
CA VAL A 412 48.98 -4.30 -19.14
C VAL A 412 50.15 -3.38 -19.44
N GLY A 413 51.36 -3.92 -19.40
CA GLY A 413 52.55 -3.15 -19.68
C GLY A 413 53.59 -3.22 -18.58
N GLN A 414 53.42 -2.40 -17.55
CA GLN A 414 54.37 -2.36 -16.45
C GLN A 414 54.24 -3.61 -15.58
N GLY A 415 55.38 -4.05 -15.03
CA GLY A 415 55.41 -5.30 -14.29
C GLY A 415 54.89 -5.21 -12.88
N ASN A 416 55.09 -4.08 -12.21
CA ASN A 416 54.69 -3.90 -10.81
C ASN A 416 53.48 -2.97 -10.77
N THR A 417 52.33 -3.53 -11.14
CA THR A 417 51.04 -2.89 -10.88
C THR A 417 50.07 -3.86 -10.22
N GLU A 418 50.53 -5.05 -9.85
CA GLU A 418 49.65 -6.10 -9.34
C GLU A 418 49.24 -5.80 -7.91
N ARG A 419 47.94 -5.81 -7.66
CA ARG A 419 47.39 -5.55 -6.34
C ARG A 419 46.25 -6.53 -6.08
N THR A 420 46.04 -6.85 -4.81
CA THR A 420 45.00 -7.79 -4.40
C THR A 420 43.70 -7.01 -4.18
N VAL A 421 42.65 -7.42 -4.88
CA VAL A 421 41.32 -6.83 -4.73
C VAL A 421 40.40 -7.90 -4.17
N TRP A 422 39.82 -7.62 -2.99
CA TRP A 422 38.97 -8.56 -2.29
C TRP A 422 37.52 -8.24 -2.58
N GLN A 423 36.83 -9.15 -3.27
CA GLN A 423 35.43 -8.98 -3.62
C GLN A 423 34.57 -9.74 -2.63
N TYR A 424 33.64 -9.04 -1.99
CA TYR A 424 32.71 -9.62 -1.02
C TYR A 424 31.32 -9.61 -1.66
N HIS A 425 30.96 -10.73 -2.28
CA HIS A 425 29.71 -10.84 -3.04
C HIS A 425 28.62 -11.41 -2.14
N PHE A 426 27.80 -10.53 -1.58
CA PHE A 426 26.64 -10.96 -0.81
C PHE A 426 25.64 -11.68 -1.72
N ARG A 427 25.10 -12.79 -1.24
CA ARG A 427 24.16 -13.59 -2.03
C ARG A 427 22.80 -13.76 -1.40
N THR A 428 22.66 -13.61 -0.08
CA THR A 428 21.40 -13.83 0.60
C THR A 428 20.55 -12.57 0.71
N TRP A 429 20.76 -11.60 -0.17
CA TRP A 429 19.84 -10.46 -0.16
C TRP A 429 18.64 -10.76 -1.06
N PRO A 430 17.43 -10.65 -0.55
CA PRO A 430 16.25 -11.04 -1.33
C PRO A 430 15.95 -10.06 -2.45
N ASP A 431 15.15 -10.54 -3.41
CA ASP A 431 14.75 -9.69 -4.52
C ASP A 431 13.81 -8.58 -4.06
N HIS A 432 12.90 -8.89 -3.15
CA HIS A 432 11.98 -7.92 -2.57
C HIS A 432 12.34 -7.67 -1.11
N GLY A 433 11.87 -6.53 -0.59
CA GLY A 433 12.06 -6.18 0.79
C GLY A 433 13.52 -6.11 1.19
N VAL A 434 13.78 -6.40 2.46
CA VAL A 434 15.11 -6.36 3.04
C VAL A 434 15.29 -7.58 3.94
N PRO A 435 16.50 -7.91 4.37
CA PRO A 435 16.65 -8.98 5.37
C PRO A 435 15.91 -8.65 6.65
N SER A 436 15.29 -9.69 7.23
CA SER A 436 14.55 -9.50 8.47
C SER A 436 15.47 -9.43 9.68
N ASP A 437 16.61 -10.12 9.62
CA ASP A 437 17.58 -10.11 10.70
C ASP A 437 18.86 -9.42 10.25
N PRO A 438 19.34 -8.40 10.98
CA PRO A 438 20.55 -7.70 10.55
C PRO A 438 21.84 -8.44 10.85
N GLY A 439 21.79 -9.51 11.65
CA GLY A 439 23.01 -10.22 12.02
C GLY A 439 23.78 -10.77 10.83
N GLY A 440 23.08 -11.06 9.74
CA GLY A 440 23.73 -11.55 8.54
C GLY A 440 24.58 -10.50 7.86
N VAL A 441 23.97 -9.34 7.55
CA VAL A 441 24.71 -8.28 6.89
C VAL A 441 25.75 -7.67 7.82
N LEU A 442 25.51 -7.73 9.14
CA LEU A 442 26.44 -7.11 10.09
C LEU A 442 27.76 -7.87 10.16
N ASP A 443 27.70 -9.20 10.21
CA ASP A 443 28.91 -10.00 10.12
C ASP A 443 29.60 -9.78 8.78
N PHE A 444 28.82 -9.52 7.73
CA PHE A 444 29.38 -9.25 6.41
C PHE A 444 30.24 -7.98 6.45
N LEU A 445 29.68 -6.88 6.94
CA LEU A 445 30.41 -5.62 6.97
C LEU A 445 31.59 -5.65 7.93
N GLU A 446 31.50 -6.46 9.00
CA GLU A 446 32.60 -6.52 9.95
C GLU A 446 33.82 -7.21 9.35
N GLU A 447 33.61 -8.19 8.48
CA GLU A 447 34.74 -8.80 7.78
C GLU A 447 35.29 -7.89 6.69
N VAL A 448 34.41 -7.11 6.05
CA VAL A 448 34.87 -6.16 5.04
C VAL A 448 35.66 -5.03 5.67
N HIS A 449 35.30 -4.62 6.89
CA HIS A 449 36.00 -3.53 7.55
C HIS A 449 37.41 -3.96 7.94
N HIS A 450 37.54 -5.15 8.54
CA HIS A 450 38.86 -5.60 8.99
C HIS A 450 39.80 -5.86 7.82
N LYS A 451 39.26 -6.26 6.67
CA LYS A 451 40.09 -6.41 5.48
C LYS A 451 40.57 -5.04 4.99
N GLN A 452 39.69 -4.04 4.98
CA GLN A 452 40.08 -2.70 4.57
C GLN A 452 41.12 -2.12 5.53
N GLU A 453 41.00 -2.43 6.82
CA GLU A 453 41.93 -1.89 7.81
C GLU A 453 43.32 -2.49 7.66
N SER A 454 43.42 -3.71 7.13
CA SER A 454 44.71 -4.39 7.02
C SER A 454 45.55 -3.86 5.87
N ILE A 455 44.95 -3.12 4.94
CA ILE A 455 45.62 -2.67 3.72
C ILE A 455 46.12 -1.25 3.91
N MET A 456 47.34 -1.00 3.47
CA MET A 456 47.98 0.30 3.64
C MET A 456 47.63 1.21 2.45
N ASP A 457 47.11 2.40 2.75
CA ASP A 457 46.74 3.39 1.74
C ASP A 457 45.75 2.84 0.73
N ALA A 458 44.85 1.96 1.19
CA ALA A 458 43.82 1.44 0.31
C ALA A 458 42.84 2.53 -0.09
N GLY A 459 42.43 2.51 -1.35
CA GLY A 459 41.51 3.51 -1.86
C GLY A 459 40.11 3.33 -1.32
N PRO A 460 39.14 3.98 -1.96
CA PRO A 460 37.76 3.88 -1.50
C PRO A 460 37.18 2.49 -1.77
N VAL A 461 36.19 2.12 -0.96
CA VAL A 461 35.55 0.82 -1.09
C VAL A 461 34.46 0.92 -2.15
N VAL A 462 34.54 0.07 -3.17
CA VAL A 462 33.57 0.07 -4.27
C VAL A 462 32.39 -0.79 -3.86
N VAL A 463 31.21 -0.18 -3.79
CA VAL A 463 29.97 -0.88 -3.46
C VAL A 463 29.01 -0.70 -4.62
N HIS A 464 28.28 -1.76 -4.94
CA HIS A 464 27.34 -1.68 -6.05
C HIS A 464 26.30 -2.78 -5.92
N CYS A 465 25.07 -2.47 -6.35
CA CYS A 465 24.01 -3.44 -6.55
C CYS A 465 23.50 -3.37 -7.97
N SER A 466 22.19 -3.16 -8.14
CA SER A 466 21.66 -3.06 -9.48
C SER A 466 21.84 -1.62 -9.96
N ALA A 467 20.97 -0.72 -9.53
CA ALA A 467 21.12 0.69 -9.84
C ALA A 467 22.23 1.34 -9.04
N GLY A 468 22.64 0.71 -7.94
CA GLY A 468 23.69 1.28 -7.10
C GLY A 468 23.24 2.46 -6.27
N ILE A 469 22.02 2.41 -5.75
CA ILE A 469 21.49 3.51 -4.94
C ILE A 469 20.75 2.96 -3.73
N GLY A 470 19.98 1.88 -3.93
CA GLY A 470 19.18 1.31 -2.87
C GLY A 470 19.95 0.44 -1.90
N ARG A 471 20.17 -0.82 -2.27
CA ARG A 471 20.95 -1.72 -1.42
C ARG A 471 22.34 -1.16 -1.17
N THR A 472 22.96 -0.57 -2.18
CA THR A 472 24.27 0.04 -2.01
C THR A 472 24.23 1.16 -0.99
N GLY A 473 23.19 2.00 -1.04
CA GLY A 473 23.06 3.06 -0.07
C GLY A 473 22.85 2.56 1.34
N THR A 474 22.08 1.48 1.49
CA THR A 474 21.85 0.90 2.81
C THR A 474 23.16 0.42 3.43
N PHE A 475 24.05 -0.14 2.63
CA PHE A 475 25.34 -0.60 3.15
C PHE A 475 26.18 0.58 3.63
N ILE A 476 26.36 1.59 2.78
CA ILE A 476 27.27 2.68 3.09
C ILE A 476 26.81 3.43 4.34
N VAL A 477 25.50 3.66 4.46
CA VAL A 477 24.99 4.36 5.63
C VAL A 477 25.21 3.53 6.90
N ILE A 478 24.94 2.22 6.82
CA ILE A 478 25.19 1.34 7.96
C ILE A 478 26.68 1.33 8.30
N ASP A 479 27.52 1.18 7.28
CA ASP A 479 28.97 1.15 7.51
C ASP A 479 29.48 2.50 8.03
N ILE A 480 28.82 3.60 7.65
CA ILE A 480 29.23 4.91 8.12
C ILE A 480 28.86 5.09 9.59
N LEU A 481 27.62 4.72 9.95
CA LEU A 481 27.18 4.86 11.34
C LEU A 481 27.94 3.91 12.26
N ILE A 482 28.23 2.70 11.78
CA ILE A 482 28.99 1.76 12.60
C ILE A 482 30.42 2.28 12.80
N ASP A 483 31.03 2.80 11.73
CA ASP A 483 32.40 3.30 11.82
C ASP A 483 32.52 4.42 12.85
N ILE A 484 31.42 5.12 13.12
CA ILE A 484 31.44 6.14 14.18
C ILE A 484 31.45 5.49 15.55
N ILE A 485 30.69 4.39 15.71
CA ILE A 485 30.57 3.75 17.02
C ILE A 485 31.91 3.15 17.46
N ARG A 486 32.73 2.69 16.52
CA ARG A 486 34.01 2.09 16.89
C ARG A 486 34.94 3.12 17.52
N GLU A 487 35.05 4.29 16.91
CA GLU A 487 36.02 5.28 17.34
C GLU A 487 35.57 6.03 18.61
N LYS A 488 34.28 6.28 18.76
CA LYS A 488 33.78 7.07 19.88
C LYS A 488 33.11 6.24 20.97
N GLY A 489 32.76 4.99 20.70
CA GLY A 489 32.15 4.14 21.70
C GLY A 489 30.65 4.16 21.68
N VAL A 490 30.07 3.42 22.64
CA VAL A 490 28.61 3.32 22.75
C VAL A 490 27.99 4.66 23.11
N ASP A 491 28.74 5.56 23.73
CA ASP A 491 28.24 6.88 24.11
C ASP A 491 28.72 7.89 23.07
N CYS A 492 27.90 8.11 22.05
CA CYS A 492 28.19 9.07 21.00
C CYS A 492 26.91 9.38 20.25
N ASP A 493 26.93 10.48 19.49
CA ASP A 493 25.76 10.91 18.75
C ASP A 493 25.71 10.26 17.38
N ILE A 494 24.52 9.78 17.01
CA ILE A 494 24.24 9.28 15.67
C ILE A 494 22.97 9.95 15.18
N ASP A 495 22.93 10.29 13.89
CA ASP A 495 21.78 10.95 13.28
C ASP A 495 21.51 10.23 11.96
N VAL A 496 20.71 9.17 12.03
CA VAL A 496 20.43 8.35 10.85
C VAL A 496 19.94 9.19 9.67
N PRO A 497 18.96 10.08 9.81
CA PRO A 497 18.54 10.86 8.63
C PRO A 497 19.58 11.87 8.18
N LYS A 498 20.32 12.49 9.11
CA LYS A 498 21.34 13.44 8.70
C LYS A 498 22.45 12.76 7.91
N THR A 499 22.81 11.54 8.30
CA THR A 499 23.80 10.78 7.54
C THR A 499 23.26 10.43 6.16
N ILE A 500 22.01 9.96 6.09
CA ILE A 500 21.43 9.60 4.80
C ILE A 500 21.31 10.82 3.90
N GLN A 501 20.88 11.95 4.46
CA GLN A 501 20.79 13.17 3.66
C GLN A 501 22.17 13.62 3.18
N MET A 502 23.19 13.47 4.03
CA MET A 502 24.54 13.82 3.63
C MET A 502 25.05 12.90 2.53
N VAL A 503 24.58 11.64 2.50
CA VAL A 503 25.00 10.73 1.44
C VAL A 503 24.18 10.95 0.17
N ARG A 504 22.88 11.25 0.31
CA ARG A 504 22.05 11.50 -0.86
C ARG A 504 22.52 12.73 -1.64
N SER A 505 23.11 13.70 -0.95
CA SER A 505 23.66 14.87 -1.61
C SER A 505 24.89 14.54 -2.45
N GLN A 506 25.34 13.28 -2.44
CA GLN A 506 26.48 12.85 -3.26
C GLN A 506 26.11 11.82 -4.31
N ARG A 507 24.93 11.20 -4.22
CA ARG A 507 24.42 10.33 -5.27
C ARG A 507 22.91 10.26 -5.14
N SER A 508 22.22 10.24 -6.29
CA SER A 508 20.77 10.36 -6.33
C SER A 508 20.10 9.21 -5.58
N GLY A 509 19.29 9.56 -4.57
CA GLY A 509 18.42 8.60 -3.93
C GLY A 509 19.10 7.46 -3.19
N MET A 510 20.13 7.77 -2.41
CA MET A 510 20.74 6.76 -1.54
C MET A 510 19.74 6.36 -0.46
N VAL A 511 19.56 5.04 -0.28
CA VAL A 511 18.49 4.46 0.51
C VAL A 511 17.15 4.75 -0.17
N GLN A 512 16.40 3.70 -0.51
CA GLN A 512 15.24 3.82 -1.37
C GLN A 512 13.92 3.75 -0.58
N THR A 513 13.71 2.66 0.15
CA THR A 513 12.42 2.40 0.79
C THR A 513 12.51 2.61 2.30
N GLU A 514 11.33 2.75 2.91
CA GLU A 514 11.26 2.80 4.37
C GLU A 514 11.81 1.53 4.99
N ALA A 515 11.65 0.39 4.31
CA ALA A 515 12.18 -0.88 4.81
C ALA A 515 13.68 -0.78 5.05
N GLN A 516 14.43 -0.28 4.06
CA GLN A 516 15.86 -0.08 4.25
C GLN A 516 16.13 0.95 5.33
N TYR A 517 15.29 1.98 5.42
CA TYR A 517 15.46 2.98 6.47
C TYR A 517 15.30 2.37 7.85
N ARG A 518 14.23 1.61 8.06
CA ARG A 518 14.04 0.93 9.34
C ARG A 518 15.12 -0.12 9.56
N PHE A 519 15.52 -0.82 8.49
CA PHE A 519 16.56 -1.85 8.61
C PHE A 519 17.87 -1.25 9.11
N ILE A 520 18.19 -0.02 8.68
CA ILE A 520 19.40 0.64 9.16
C ILE A 520 19.31 0.85 10.67
N TYR A 521 18.15 1.30 11.15
CA TYR A 521 17.94 1.42 12.59
C TYR A 521 18.14 0.07 13.29
N MET A 522 17.54 -0.99 12.74
CA MET A 522 17.72 -2.32 13.30
C MET A 522 19.17 -2.75 13.22
N ALA A 523 19.87 -2.39 12.14
CA ALA A 523 21.26 -2.79 11.98
C ALA A 523 22.14 -2.11 13.02
N VAL A 524 21.94 -0.81 13.22
CA VAL A 524 22.71 -0.09 14.24
C VAL A 524 22.38 -0.60 15.63
N GLN A 525 21.08 -0.81 15.91
CA GLN A 525 20.68 -1.32 17.22
C GLN A 525 21.30 -2.68 17.50
N HIS A 526 21.31 -3.57 16.50
CA HIS A 526 21.88 -4.90 16.68
C HIS A 526 23.38 -4.82 16.99
N TYR A 527 24.09 -3.90 16.34
CA TYR A 527 25.52 -3.78 16.57
C TYR A 527 25.84 -3.37 18.01
N ILE A 528 24.95 -2.61 18.64
CA ILE A 528 25.22 -2.10 19.98
C ILE A 528 24.78 -3.06 21.07
N GLU A 529 23.76 -3.89 20.81
CA GLU A 529 23.36 -4.89 21.78
C GLU A 529 24.43 -5.96 21.96
N THR A 530 25.22 -6.21 20.92
CA THR A 530 26.32 -7.18 20.97
C THR A 530 27.59 -6.62 21.62
N LEU A 531 27.47 -5.58 22.42
CA LEU A 531 28.62 -5.05 23.16
C LEU A 531 28.41 -5.19 24.67
N THR B 8 -23.82 5.37 -5.98
CA THR B 8 -25.16 5.50 -6.54
C THR B 8 -26.21 5.32 -5.45
N SER B 9 -26.88 4.18 -5.46
CA SER B 9 -27.89 3.84 -4.47
C SER B 9 -28.30 2.38 -4.67
N ARG B 10 -28.91 1.81 -3.64
CA ARG B 10 -29.48 0.47 -3.70
C ARG B 10 -30.94 0.48 -3.26
N ARG B 11 -31.61 1.62 -3.37
CA ARG B 11 -32.99 1.77 -2.91
C ARG B 11 -33.94 0.82 -3.62
N TRP B 12 -33.57 0.33 -4.80
CA TRP B 12 -34.42 -0.58 -5.55
C TRP B 12 -34.49 -1.98 -4.94
N PHE B 13 -33.71 -2.26 -3.90
CA PHE B 13 -33.76 -3.55 -3.23
C PHE B 13 -34.72 -3.47 -2.04
N HIS B 14 -35.72 -4.36 -2.04
CA HIS B 14 -36.69 -4.44 -0.96
C HIS B 14 -36.47 -5.74 -0.20
N PRO B 15 -36.06 -5.71 1.06
CA PRO B 15 -35.66 -6.96 1.73
C PRO B 15 -36.81 -7.85 2.18
N ASN B 16 -37.95 -7.25 2.52
CA ASN B 16 -39.04 -7.99 3.13
C ASN B 16 -40.30 -8.07 2.27
N ILE B 17 -40.34 -7.42 1.12
CA ILE B 17 -41.55 -7.46 0.30
C ILE B 17 -41.65 -8.83 -0.38
N THR B 18 -42.88 -9.23 -0.65
CA THR B 18 -43.18 -10.56 -1.15
C THR B 18 -43.52 -10.50 -2.63
N GLY B 19 -44.07 -11.59 -3.16
CA GLY B 19 -44.39 -11.64 -4.57
C GLY B 19 -45.50 -10.68 -4.97
N VAL B 20 -46.62 -10.74 -4.26
CA VAL B 20 -47.74 -9.85 -4.56
C VAL B 20 -47.40 -8.41 -4.18
N GLU B 21 -46.68 -8.23 -3.07
CA GLU B 21 -46.29 -6.89 -2.66
C GLU B 21 -45.40 -6.22 -3.69
N ALA B 22 -44.67 -7.01 -4.48
CA ALA B 22 -43.76 -6.46 -5.48
C ALA B 22 -44.49 -5.96 -6.73
N GLU B 23 -45.74 -6.36 -6.94
CA GLU B 23 -46.50 -5.92 -8.10
C GLU B 23 -47.45 -4.78 -7.80
N ASN B 24 -48.18 -4.85 -6.69
CA ASN B 24 -49.02 -3.72 -6.28
C ASN B 24 -48.20 -2.44 -6.14
N LEU B 25 -46.91 -2.56 -5.85
CA LEU B 25 -46.03 -1.41 -5.91
C LEU B 25 -45.74 -1.02 -7.35
N LEU B 26 -45.25 -1.98 -8.15
CA LEU B 26 -44.88 -1.69 -9.53
C LEU B 26 -46.09 -1.37 -10.40
N LEU B 27 -47.29 -1.81 -10.02
CA LEU B 27 -48.48 -1.53 -10.82
C LEU B 27 -49.17 -0.23 -10.40
N THR B 28 -49.21 0.08 -9.11
CA THR B 28 -49.85 1.31 -8.66
C THR B 28 -48.86 2.47 -8.64
N ARG B 29 -47.82 2.37 -7.81
CA ARG B 29 -46.82 3.42 -7.69
C ARG B 29 -45.69 3.28 -8.70
N GLY B 30 -45.94 2.62 -9.84
CA GLY B 30 -44.92 2.44 -10.85
C GLY B 30 -45.47 2.71 -12.24
N VAL B 31 -44.56 2.73 -13.21
CA VAL B 31 -44.88 2.96 -14.61
C VAL B 31 -44.07 1.98 -15.45
N ASP B 32 -44.20 2.10 -16.77
CA ASP B 32 -43.41 1.29 -17.69
C ASP B 32 -41.94 1.64 -17.56
N GLY B 33 -41.12 0.66 -17.19
CA GLY B 33 -39.72 0.86 -16.91
C GLY B 33 -39.38 0.80 -15.44
N SER B 34 -40.37 0.80 -14.56
CA SER B 34 -40.11 0.71 -13.13
C SER B 34 -39.74 -0.72 -12.74
N PHE B 35 -38.74 -0.85 -11.86
CA PHE B 35 -38.25 -2.15 -11.45
C PHE B 35 -37.86 -2.10 -9.99
N LEU B 36 -37.56 -3.29 -9.44
CA LEU B 36 -37.08 -3.43 -8.07
C LEU B 36 -36.54 -4.85 -7.89
N ALA B 37 -35.54 -4.97 -7.05
CA ALA B 37 -34.97 -6.27 -6.69
C ALA B 37 -35.45 -6.66 -5.30
N ARG B 38 -35.57 -7.97 -5.08
CA ARG B 38 -36.07 -8.51 -3.82
C ARG B 38 -35.50 -9.90 -3.62
N PRO B 39 -35.35 -10.34 -2.38
CA PRO B 39 -34.91 -11.72 -2.14
C PRO B 39 -35.96 -12.71 -2.61
N SER B 40 -35.51 -13.94 -2.83
CA SER B 40 -36.40 -15.05 -3.18
C SER B 40 -36.57 -15.91 -1.94
N LYS B 41 -37.80 -15.94 -1.42
CA LYS B 41 -38.12 -16.77 -0.27
C LYS B 41 -38.51 -18.19 -0.67
N SER B 42 -38.56 -18.48 -1.97
CA SER B 42 -38.78 -19.84 -2.44
C SER B 42 -37.52 -20.69 -2.36
N ASN B 43 -36.35 -20.06 -2.26
CA ASN B 43 -35.07 -20.74 -2.15
C ASN B 43 -34.01 -19.74 -1.70
N PRO B 44 -33.74 -19.64 -0.39
CA PRO B 44 -32.72 -18.70 0.10
C PRO B 44 -31.39 -18.82 -0.62
N GLY B 45 -31.10 -17.82 -1.47
CA GLY B 45 -29.93 -17.85 -2.32
C GLY B 45 -30.26 -17.30 -3.69
N ASP B 46 -31.55 -17.22 -3.99
CA ASP B 46 -32.03 -16.65 -5.24
C ASP B 46 -32.56 -15.24 -5.02
N PHE B 47 -32.73 -14.51 -6.13
CA PHE B 47 -33.31 -13.17 -6.10
C PHE B 47 -34.20 -13.01 -7.32
N THR B 48 -35.16 -12.09 -7.22
CA THR B 48 -36.14 -11.85 -8.27
C THR B 48 -36.06 -10.40 -8.72
N LEU B 49 -35.70 -10.20 -9.99
CA LEU B 49 -35.66 -8.88 -10.59
C LEU B 49 -37.02 -8.61 -11.23
N SER B 50 -37.90 -7.96 -10.47
CA SER B 50 -39.24 -7.64 -10.96
C SER B 50 -39.19 -6.34 -11.76
N VAL B 51 -39.66 -6.39 -13.00
CA VAL B 51 -39.62 -5.26 -13.92
C VAL B 51 -41.00 -5.12 -14.56
N ARG B 52 -41.47 -3.88 -14.70
CA ARG B 52 -42.74 -3.60 -15.36
C ARG B 52 -42.50 -3.22 -16.81
N ARG B 53 -43.28 -3.85 -17.71
CA ARG B 53 -43.21 -3.55 -19.13
C ARG B 53 -44.57 -3.82 -19.75
N ASN B 54 -45.04 -2.87 -20.57
CA ASN B 54 -46.32 -2.99 -21.27
C ASN B 54 -47.48 -3.26 -20.31
N GLY B 55 -47.57 -2.41 -19.27
CA GLY B 55 -48.66 -2.48 -18.32
C GLY B 55 -48.65 -3.68 -17.39
N ALA B 56 -47.78 -4.66 -17.61
CA ALA B 56 -47.67 -5.84 -16.77
C ALA B 56 -46.30 -5.85 -16.09
N VAL B 57 -46.08 -6.86 -15.25
CA VAL B 57 -44.84 -7.00 -14.49
C VAL B 57 -44.13 -8.26 -14.96
N THR B 58 -42.83 -8.16 -15.18
CA THR B 58 -41.99 -9.29 -15.57
C THR B 58 -41.03 -9.60 -14.42
N HIS B 59 -40.95 -10.87 -14.05
CA HIS B 59 -40.08 -11.34 -12.99
C HIS B 59 -38.92 -12.12 -13.59
N ILE B 60 -37.70 -11.81 -13.18
CA ILE B 60 -36.50 -12.44 -13.70
C ILE B 60 -35.67 -12.94 -12.51
N LYS B 61 -35.46 -14.25 -12.46
CA LYS B 61 -34.78 -14.86 -11.32
C LYS B 61 -33.27 -14.65 -11.39
N ILE B 62 -32.66 -14.42 -10.23
CA ILE B 62 -31.22 -14.28 -10.09
C ILE B 62 -30.76 -15.24 -9.00
N GLN B 63 -29.98 -16.24 -9.36
CA GLN B 63 -29.55 -17.27 -8.44
C GLN B 63 -28.06 -17.12 -8.13
N ASN B 64 -27.70 -17.28 -6.86
CA ASN B 64 -26.31 -17.21 -6.41
C ASN B 64 -26.07 -18.34 -5.42
N THR B 65 -25.44 -19.41 -5.90
CA THR B 65 -25.09 -20.53 -5.03
C THR B 65 -23.88 -20.24 -4.16
N GLY B 66 -23.08 -19.25 -4.51
CA GLY B 66 -21.90 -18.91 -3.75
C GLY B 66 -20.76 -18.37 -4.59
N ASP B 67 -20.86 -18.55 -5.90
CA ASP B 67 -19.79 -18.16 -6.82
C ASP B 67 -20.09 -16.86 -7.57
N TYR B 68 -21.34 -16.62 -7.94
CA TYR B 68 -21.69 -15.45 -8.73
C TYR B 68 -23.20 -15.26 -8.72
N TYR B 69 -23.64 -14.05 -9.07
CA TYR B 69 -25.05 -13.77 -9.31
C TYR B 69 -25.35 -14.12 -10.76
N ASP B 70 -26.20 -15.13 -10.96
CA ASP B 70 -26.51 -15.64 -12.29
C ASP B 70 -27.90 -15.15 -12.69
N LEU B 71 -27.94 -14.10 -13.50
CA LEU B 71 -29.20 -13.59 -14.03
C LEU B 71 -29.62 -14.43 -15.24
N TYR B 72 -30.78 -15.05 -15.16
CA TYR B 72 -31.28 -15.85 -16.27
C TYR B 72 -31.80 -14.95 -17.37
N GLY B 73 -31.42 -15.25 -18.61
CA GLY B 73 -31.62 -14.35 -19.71
C GLY B 73 -30.55 -13.30 -19.86
N GLY B 74 -29.53 -13.32 -19.01
CA GLY B 74 -28.42 -12.38 -19.10
C GLY B 74 -27.09 -13.03 -18.79
N GLU B 75 -26.20 -12.30 -18.14
CA GLU B 75 -24.86 -12.78 -17.81
C GLU B 75 -24.72 -12.96 -16.30
N LYS B 76 -23.48 -13.11 -15.85
CA LYS B 76 -23.17 -13.33 -14.44
C LYS B 76 -22.45 -12.11 -13.89
N PHE B 77 -22.87 -11.68 -12.70
CA PHE B 77 -22.40 -10.42 -12.13
C PHE B 77 -21.88 -10.64 -10.71
N ALA B 78 -20.94 -9.79 -10.30
CA ALA B 78 -20.31 -9.93 -9.00
C ALA B 78 -21.23 -9.45 -7.88
N THR B 79 -21.92 -8.33 -8.09
CA THR B 79 -22.85 -7.80 -7.10
C THR B 79 -24.15 -7.40 -7.79
N LEU B 80 -25.22 -7.36 -7.00
CA LEU B 80 -26.49 -6.86 -7.52
C LEU B 80 -26.39 -5.39 -7.90
N ALA B 81 -25.49 -4.65 -7.23
CA ALA B 81 -25.29 -3.25 -7.58
C ALA B 81 -24.69 -3.12 -8.99
N GLU B 82 -23.63 -3.88 -9.26
CA GLU B 82 -23.05 -3.86 -10.61
C GLU B 82 -24.00 -4.45 -11.64
N LEU B 83 -24.91 -5.32 -11.22
CA LEU B 83 -25.91 -5.87 -12.14
C LEU B 83 -26.85 -4.78 -12.64
N VAL B 84 -27.48 -4.06 -11.71
CA VAL B 84 -28.39 -2.99 -12.10
C VAL B 84 -27.66 -1.91 -12.88
N GLN B 85 -26.43 -1.57 -12.44
CA GLN B 85 -25.65 -0.57 -13.14
C GLN B 85 -25.31 -1.00 -14.56
N TYR B 86 -25.15 -2.31 -14.79
CA TYR B 86 -24.77 -2.78 -16.11
C TYR B 86 -25.90 -2.57 -17.13
N TYR B 87 -27.15 -2.79 -16.70
CA TYR B 87 -28.26 -2.72 -17.64
C TYR B 87 -28.87 -1.33 -17.74
N MET B 88 -28.76 -0.51 -16.71
CA MET B 88 -29.18 0.89 -16.83
C MET B 88 -28.28 1.68 -17.78
N GLU B 89 -27.18 1.07 -18.26
CA GLU B 89 -26.30 1.66 -19.25
C GLU B 89 -26.03 0.68 -20.40
N HIS B 90 -26.98 -0.22 -20.64
CA HIS B 90 -26.86 -1.15 -21.75
C HIS B 90 -28.22 -1.46 -22.36
N GLY B 92 -29.15 -4.85 -23.07
CA GLY B 92 -28.63 -6.20 -23.12
C GLY B 92 -29.65 -7.23 -22.64
N GLN B 93 -30.39 -6.88 -21.59
CA GLN B 93 -31.34 -7.81 -21.00
C GLN B 93 -32.50 -8.05 -21.97
N LEU B 94 -32.63 -9.29 -22.43
CA LEU B 94 -33.56 -9.62 -23.50
C LEU B 94 -34.60 -10.63 -23.00
N LYS B 95 -35.87 -10.32 -23.23
CA LYS B 95 -36.99 -11.22 -22.95
C LYS B 95 -38.26 -10.66 -23.57
N ASP B 100 -38.71 -7.99 -26.98
CA ASP B 100 -37.33 -8.47 -27.06
C ASP B 100 -36.44 -7.83 -25.99
N VAL B 101 -36.61 -6.52 -25.76
CA VAL B 101 -35.75 -5.75 -24.88
C VAL B 101 -36.49 -5.42 -23.59
N ILE B 102 -35.80 -5.53 -22.47
CA ILE B 102 -36.31 -5.12 -21.17
C ILE B 102 -35.48 -3.93 -20.69
N GLU B 103 -36.14 -2.80 -20.48
CA GLU B 103 -35.47 -1.57 -20.05
C GLU B 103 -35.59 -1.41 -18.54
N LEU B 104 -34.47 -1.09 -17.89
CA LEU B 104 -34.43 -0.72 -16.49
C LEU B 104 -34.37 0.80 -16.44
N LYS B 105 -35.54 1.44 -16.29
CA LYS B 105 -35.65 2.89 -16.42
C LYS B 105 -35.77 3.59 -15.07
N TYR B 106 -36.76 3.23 -14.27
CA TYR B 106 -37.04 3.93 -13.02
C TYR B 106 -36.98 2.99 -11.82
N PRO B 107 -35.94 3.04 -11.00
CA PRO B 107 -35.92 2.21 -9.79
C PRO B 107 -36.99 2.66 -8.80
N LEU B 108 -37.76 1.69 -8.31
CA LEU B 108 -38.79 1.97 -7.31
C LEU B 108 -38.15 1.86 -5.93
N ASN B 109 -37.83 3.02 -5.34
CA ASN B 109 -37.10 3.05 -4.08
C ASN B 109 -37.90 2.40 -2.96
N CYS B 110 -37.18 1.86 -1.99
CA CYS B 110 -37.79 1.20 -0.84
C CYS B 110 -37.70 2.09 0.39
N ALA B 111 -38.76 2.09 1.20
CA ALA B 111 -38.82 2.89 2.40
C ALA B 111 -38.43 2.12 3.65
N ASP B 112 -38.21 0.81 3.55
CA ASP B 112 -37.86 0.00 4.71
C ASP B 112 -36.47 0.37 5.20
N PRO B 113 -36.32 0.76 6.47
CA PRO B 113 -34.98 1.13 6.97
C PRO B 113 -34.28 0.00 7.71
N THR B 114 -34.72 -1.24 7.50
CA THR B 114 -34.13 -2.37 8.23
C THR B 114 -32.69 -2.64 7.83
N SER B 115 -32.23 -2.16 6.67
CA SER B 115 -30.87 -2.42 6.21
C SER B 115 -29.95 -1.23 6.40
N GLU B 116 -30.37 -0.21 7.14
CA GLU B 116 -29.58 0.98 7.36
C GLU B 116 -28.66 0.81 8.57
N ARG B 117 -27.41 1.23 8.41
CA ARG B 117 -26.41 1.08 9.47
C ARG B 117 -26.76 1.84 10.74
N TRP B 118 -27.76 2.72 10.70
CA TRP B 118 -28.11 3.57 11.83
C TRP B 118 -29.49 3.29 12.40
N PHE B 119 -30.13 2.19 12.01
CA PHE B 119 -31.49 1.88 12.42
C PHE B 119 -31.47 0.61 13.27
N HIS B 120 -31.37 0.77 14.58
CA HIS B 120 -31.54 -0.33 15.54
C HIS B 120 -33.01 -0.32 15.96
N GLY B 121 -33.79 -1.26 15.41
CA GLY B 121 -35.23 -1.28 15.56
C GLY B 121 -35.75 -1.20 16.98
N HIS B 122 -35.97 -2.35 17.62
CA HIS B 122 -36.49 -2.38 18.98
C HIS B 122 -35.32 -2.21 19.94
N LEU B 123 -35.04 -0.96 20.30
CA LEU B 123 -33.93 -0.62 21.17
C LEU B 123 -34.41 0.43 22.17
N SER B 124 -34.22 0.15 23.46
CA SER B 124 -34.65 1.07 24.50
C SER B 124 -33.72 2.29 24.54
N GLY B 125 -34.18 3.34 25.22
CA GLY B 125 -33.38 4.56 25.33
C GLY B 125 -32.23 4.41 26.29
N LYS B 126 -32.43 3.66 27.38
CA LYS B 126 -31.35 3.44 28.33
C LYS B 126 -30.20 2.68 27.69
N GLU B 127 -30.52 1.71 26.83
CA GLU B 127 -29.48 1.01 26.08
C GLU B 127 -28.79 1.94 25.10
N ALA B 128 -29.57 2.69 24.31
CA ALA B 128 -28.99 3.52 23.26
C ALA B 128 -27.97 4.51 23.82
N GLU B 129 -28.24 5.05 25.02
CA GLU B 129 -27.29 5.97 25.64
C GLU B 129 -26.06 5.23 26.18
N LYS B 130 -26.18 3.93 26.46
CA LYS B 130 -25.03 3.17 26.93
C LYS B 130 -24.03 2.94 25.81
N LEU B 131 -24.48 2.39 24.68
CA LEU B 131 -23.57 2.13 23.57
C LEU B 131 -22.96 3.40 23.02
N LEU B 132 -23.74 4.48 22.96
CA LEU B 132 -23.22 5.76 22.48
C LEU B 132 -22.10 6.28 23.38
N THR B 133 -22.25 6.11 24.69
CA THR B 133 -21.21 6.54 25.62
C THR B 133 -20.08 5.52 25.67
N GLU B 134 -20.39 4.24 25.58
CA GLU B 134 -19.37 3.19 25.68
C GLU B 134 -18.58 3.07 24.38
N LYS B 135 -19.27 2.99 23.24
CA LYS B 135 -18.62 2.69 21.98
C LYS B 135 -18.58 3.86 21.00
N GLY B 136 -19.39 4.90 21.20
CA GLY B 136 -19.50 5.97 20.23
C GLY B 136 -18.43 7.02 20.37
N LYS B 137 -18.38 7.91 19.38
CA LYS B 137 -17.50 9.06 19.38
C LYS B 137 -18.27 10.25 18.81
N HIS B 138 -17.57 11.36 18.62
CA HIS B 138 -18.21 12.59 18.15
C HIS B 138 -18.82 12.37 16.77
N GLY B 139 -20.13 12.65 16.66
CA GLY B 139 -20.87 12.47 15.43
C GLY B 139 -21.64 11.18 15.33
N SER B 140 -21.39 10.22 16.21
CA SER B 140 -22.10 8.94 16.17
C SER B 140 -23.57 9.15 16.45
N PHE B 141 -24.41 8.38 15.76
CA PHE B 141 -25.86 8.50 15.92
C PHE B 141 -26.52 7.17 15.61
N LEU B 142 -27.79 7.07 16.00
CA LEU B 142 -28.59 5.89 15.73
C LEU B 142 -30.06 6.27 15.82
N VAL B 143 -30.87 5.60 14.99
CA VAL B 143 -32.32 5.74 15.02
C VAL B 143 -32.90 4.46 15.63
N ARG B 144 -33.98 4.62 16.39
CA ARG B 144 -34.58 3.51 17.10
C ARG B 144 -36.07 3.76 17.28
N GLU B 145 -36.82 2.67 17.40
CA GLU B 145 -38.25 2.79 17.67
C GLU B 145 -38.47 3.33 19.08
N SER B 146 -39.59 4.04 19.25
CA SER B 146 -39.87 4.74 20.49
C SER B 146 -40.64 3.86 21.46
N GLN B 147 -40.30 3.98 22.74
CA GLN B 147 -40.99 3.27 23.82
C GLN B 147 -42.18 4.07 24.35
N SER B 148 -42.06 5.39 24.40
CA SER B 148 -43.11 6.25 24.93
C SER B 148 -44.28 6.30 23.95
N HIS B 149 -44.09 7.00 22.84
CA HIS B 149 -45.12 7.12 21.81
C HIS B 149 -44.84 6.07 20.73
N PRO B 150 -45.57 4.96 20.74
CA PRO B 150 -45.25 3.87 19.80
C PRO B 150 -45.55 4.27 18.36
N GLY B 151 -44.65 3.88 17.47
CA GLY B 151 -44.70 4.29 16.08
C GLY B 151 -43.72 5.40 15.74
N ASP B 152 -43.45 6.28 16.69
CA ASP B 152 -42.45 7.32 16.50
C ASP B 152 -41.04 6.74 16.68
N PHE B 153 -40.03 7.56 16.38
CA PHE B 153 -38.65 7.16 16.46
C PHE B 153 -37.85 8.23 17.21
N VAL B 154 -36.63 7.87 17.59
CA VAL B 154 -35.75 8.75 18.36
C VAL B 154 -34.38 8.76 17.68
N LEU B 155 -33.89 9.95 17.34
CA LEU B 155 -32.55 10.12 16.79
C LEU B 155 -31.64 10.57 17.92
N SER B 156 -30.71 9.70 18.32
CA SER B 156 -29.79 9.97 19.41
C SER B 156 -28.41 10.26 18.83
N VAL B 157 -27.78 11.35 19.28
CA VAL B 157 -26.50 11.79 18.77
C VAL B 157 -25.56 12.06 19.94
N ARG B 158 -24.25 11.90 19.70
CA ARG B 158 -23.21 12.21 20.66
C ARG B 158 -22.30 13.29 20.08
N THR B 159 -21.96 14.28 20.91
CA THR B 159 -21.10 15.38 20.48
C THR B 159 -20.12 15.72 21.60
N GLY B 160 -18.91 16.11 21.21
CA GLY B 160 -17.89 16.48 22.17
C GLY B 160 -16.48 16.13 21.75
N ASP B 161 -15.83 15.24 22.50
CA ASP B 161 -14.48 14.80 22.19
C ASP B 161 -14.48 13.39 21.61
N GLY B 169 -15.76 15.39 31.28
CA GLY B 169 -15.50 14.84 29.96
C GLY B 169 -15.74 15.83 28.83
N LYS B 170 -16.64 16.78 29.07
CA LYS B 170 -16.99 17.84 28.12
C LYS B 170 -17.64 17.29 26.87
N SER B 171 -18.42 16.21 27.02
CA SER B 171 -19.21 15.64 25.94
C SER B 171 -20.63 15.43 26.43
N LYS B 172 -21.54 15.11 25.50
CA LYS B 172 -22.94 14.94 25.86
C LYS B 172 -23.64 14.10 24.80
N VAL B 173 -24.88 13.72 25.11
CA VAL B 173 -25.74 12.95 24.22
C VAL B 173 -27.07 13.69 24.12
N THR B 174 -27.57 13.82 22.88
CA THR B 174 -28.82 14.51 22.63
C THR B 174 -29.79 13.56 21.92
N HIS B 175 -31.07 13.67 22.26
CA HIS B 175 -32.12 12.83 21.67
C HIS B 175 -33.10 13.71 20.92
N VAL B 176 -33.48 13.27 19.72
CA VAL B 176 -34.38 14.00 18.85
C VAL B 176 -35.57 13.11 18.54
N MET B 177 -36.74 13.48 19.05
CA MET B 177 -37.95 12.71 18.80
C MET B 177 -38.37 12.86 17.35
N ILE B 178 -38.72 11.75 16.71
CA ILE B 178 -39.12 11.72 15.30
C ILE B 178 -40.55 11.21 15.27
N ARG B 179 -41.51 12.12 15.07
CA ARG B 179 -42.90 11.74 15.02
C ARG B 179 -43.29 11.24 13.62
N CYS B 180 -44.14 10.23 13.59
CA CYS B 180 -44.67 9.67 12.35
C CYS B 180 -46.13 10.09 12.23
N GLN B 181 -46.38 11.18 11.52
CA GLN B 181 -47.72 11.73 11.34
C GLN B 181 -48.16 11.47 9.90
N GLU B 182 -49.04 10.48 9.71
CA GLU B 182 -49.66 10.16 8.43
C GLU B 182 -48.60 9.80 7.38
N LEU B 183 -47.94 8.67 7.65
CA LEU B 183 -47.00 8.03 6.75
C LEU B 183 -45.81 8.92 6.38
N LYS B 184 -45.59 10.01 7.12
CA LYS B 184 -44.46 10.89 6.89
C LYS B 184 -43.77 11.19 8.23
N TYR B 185 -42.47 11.45 8.16
CA TYR B 185 -41.63 11.59 9.34
C TYR B 185 -41.08 13.00 9.43
N ASP B 186 -41.04 13.52 10.66
CA ASP B 186 -40.54 14.87 10.91
C ASP B 186 -39.98 14.93 12.33
N VAL B 187 -39.29 16.01 12.63
CA VAL B 187 -38.69 16.21 13.95
C VAL B 187 -39.43 17.33 14.69
N GLY B 188 -40.74 17.44 14.43
CA GLY B 188 -41.54 18.48 15.06
C GLY B 188 -41.57 19.79 14.31
N GLY B 189 -41.07 19.84 13.08
CA GLY B 189 -41.06 21.06 12.30
C GLY B 189 -40.17 20.98 11.08
N GLY B 190 -40.50 21.73 10.05
CA GLY B 190 -39.70 21.76 8.84
C GLY B 190 -40.33 20.93 7.73
N GLU B 191 -39.52 20.13 7.07
CA GLU B 191 -39.98 19.29 5.96
C GLU B 191 -40.42 17.92 6.47
N ARG B 192 -41.38 17.33 5.76
CA ARG B 192 -41.92 16.02 6.10
C ARG B 192 -41.45 15.02 5.05
N PHE B 193 -40.76 13.98 5.51
CA PHE B 193 -40.10 13.03 4.62
C PHE B 193 -40.89 11.73 4.54
N ASP B 194 -40.81 11.08 3.37
CA ASP B 194 -41.57 9.86 3.14
C ASP B 194 -40.95 8.64 3.80
N SER B 195 -39.69 8.72 4.24
CA SER B 195 -39.02 7.59 4.85
C SER B 195 -37.97 8.09 5.82
N LEU B 196 -37.59 7.21 6.76
CA LEU B 196 -36.54 7.56 7.72
C LEU B 196 -35.22 7.83 7.03
N THR B 197 -34.94 7.13 5.93
CA THR B 197 -33.70 7.36 5.19
C THR B 197 -33.68 8.77 4.60
N ASP B 198 -34.79 9.21 4.03
CA ASP B 198 -34.86 10.57 3.50
C ASP B 198 -34.70 11.60 4.61
N LEU B 199 -35.26 11.34 5.79
CA LEU B 199 -35.08 12.24 6.92
C LEU B 199 -33.63 12.24 7.40
N VAL B 200 -33.03 11.04 7.50
CA VAL B 200 -31.65 10.94 7.97
C VAL B 200 -30.69 11.55 6.96
N GLU B 201 -30.91 11.29 5.67
CA GLU B 201 -30.02 11.83 4.64
C GLU B 201 -30.13 13.34 4.54
N HIS B 202 -31.28 13.90 4.90
CA HIS B 202 -31.42 15.36 4.93
C HIS B 202 -30.53 15.98 5.99
N TYR B 203 -30.71 15.58 7.24
CA TYR B 203 -29.93 16.14 8.33
C TYR B 203 -28.49 15.64 8.34
N LYS B 204 -28.12 14.75 7.42
CA LYS B 204 -26.71 14.55 7.11
C LYS B 204 -26.17 15.69 6.25
N LYS B 205 -27.01 16.24 5.38
CA LYS B 205 -26.64 17.37 4.53
C LYS B 205 -26.96 18.71 5.19
N ASN B 206 -28.04 18.77 5.97
CA ASN B 206 -28.45 19.99 6.66
C ASN B 206 -28.57 19.67 8.15
N PRO B 207 -27.44 19.63 8.87
CA PRO B 207 -27.49 19.24 10.29
C PRO B 207 -28.28 20.22 11.13
N MET B 208 -28.92 19.71 12.17
CA MET B 208 -29.65 20.55 13.10
C MET B 208 -28.70 21.34 13.97
N VAL B 209 -29.13 22.54 14.36
CA VAL B 209 -28.35 23.42 15.22
C VAL B 209 -29.20 23.79 16.41
N GLU B 210 -28.76 23.40 17.60
CA GLU B 210 -29.47 23.77 18.82
C GLU B 210 -29.47 25.28 19.00
N THR B 211 -30.44 25.76 19.79
CA THR B 211 -30.62 27.20 19.96
C THR B 211 -29.41 27.87 20.60
N LEU B 212 -28.51 27.11 21.19
CA LEU B 212 -27.31 27.66 21.82
C LEU B 212 -26.04 27.32 21.04
N GLY B 213 -26.15 27.01 19.74
CA GLY B 213 -25.03 26.90 18.84
C GLY B 213 -24.59 25.49 18.53
N THR B 214 -24.86 24.53 19.43
CA THR B 214 -24.37 23.17 19.24
C THR B 214 -24.91 22.57 17.95
N VAL B 215 -24.00 21.98 17.17
CA VAL B 215 -24.35 21.36 15.88
C VAL B 215 -24.53 19.87 16.09
N LEU B 216 -25.62 19.33 15.56
CA LEU B 216 -25.92 17.90 15.69
C LEU B 216 -25.45 17.17 14.44
N GLN B 217 -24.13 17.11 14.30
CA GLN B 217 -23.52 16.51 13.12
C GLN B 217 -23.75 15.01 13.09
N LEU B 218 -24.22 14.50 11.95
CA LEU B 218 -24.40 13.07 11.73
C LEU B 218 -23.20 12.56 10.94
N LYS B 219 -22.12 12.27 11.67
CA LYS B 219 -20.86 11.92 11.02
C LYS B 219 -20.83 10.45 10.61
N GLN B 220 -21.24 9.55 11.51
CA GLN B 220 -21.26 8.12 11.21
C GLN B 220 -22.26 7.45 12.14
N PRO B 221 -22.86 6.33 11.73
CA PRO B 221 -23.69 5.57 12.65
C PRO B 221 -22.85 4.91 13.73
N LEU B 222 -23.51 4.55 14.83
CA LEU B 222 -22.83 3.95 15.95
C LEU B 222 -22.34 2.55 15.59
N ASN B 223 -21.08 2.26 15.93
CA ASN B 223 -20.53 0.93 15.71
C ASN B 223 -21.16 -0.05 16.69
N THR B 224 -21.74 -1.13 16.15
CA THR B 224 -22.31 -2.19 16.96
C THR B 224 -21.86 -3.58 16.53
N THR B 225 -21.02 -3.69 15.50
CA THR B 225 -20.57 -4.98 15.00
C THR B 225 -19.15 -5.33 15.45
N ARG B 226 -18.40 -4.38 15.99
CA ARG B 226 -17.08 -4.68 16.52
C ARG B 226 -17.23 -5.38 17.86
N ILE B 227 -16.75 -6.63 17.93
CA ILE B 227 -16.83 -7.43 19.15
C ILE B 227 -15.43 -7.81 19.56
N ASN B 228 -15.24 -7.99 20.88
CA ASN B 228 -13.99 -8.54 21.36
C ASN B 228 -13.87 -9.99 20.93
N ALA B 229 -12.64 -10.41 20.61
CA ALA B 229 -12.44 -11.75 20.05
C ALA B 229 -12.90 -12.82 21.03
N ALA B 230 -12.70 -12.57 22.34
CA ALA B 230 -13.04 -13.59 23.34
C ALA B 230 -14.53 -13.86 23.40
N GLU B 231 -15.37 -12.87 23.11
CA GLU B 231 -16.82 -13.02 23.17
C GLU B 231 -17.42 -13.35 21.81
N ILE B 232 -16.74 -14.18 21.02
CA ILE B 232 -17.22 -14.47 19.67
C ILE B 232 -18.44 -15.39 19.71
N GLU B 233 -18.41 -16.41 20.57
CA GLU B 233 -19.53 -17.35 20.65
C GLU B 233 -20.81 -16.66 21.12
N SER B 234 -20.68 -15.63 21.96
CA SER B 234 -21.86 -14.94 22.48
C SER B 234 -22.57 -14.16 21.38
N ARG B 235 -21.82 -13.51 20.49
CA ARG B 235 -22.45 -12.76 19.41
C ARG B 235 -23.09 -13.69 18.38
N VAL B 236 -22.44 -14.82 18.09
CA VAL B 236 -23.05 -15.83 17.22
C VAL B 236 -24.33 -16.35 17.85
N ARG B 237 -24.37 -16.44 19.19
CA ARG B 237 -25.60 -16.82 19.88
C ARG B 237 -26.72 -15.83 19.60
N GLU B 238 -26.41 -14.53 19.62
CA GLU B 238 -27.42 -13.50 19.38
C GLU B 238 -27.87 -13.49 17.92
N LEU B 239 -26.99 -13.89 17.00
CA LEU B 239 -27.33 -13.81 15.57
C LEU B 239 -28.13 -15.02 15.10
N SER B 240 -27.99 -16.17 15.76
CA SER B 240 -28.74 -17.36 15.39
C SER B 240 -30.18 -17.34 15.88
N LYS B 241 -30.66 -16.20 16.39
CA LYS B 241 -32.01 -16.10 16.92
C LYS B 241 -32.97 -15.56 15.86
N GLY B 252 -30.52 -12.87 12.97
CA GLY B 252 -29.51 -11.86 13.16
C GLY B 252 -28.50 -11.80 12.03
N PHE B 253 -28.02 -12.98 11.61
CA PHE B 253 -27.06 -13.05 10.51
C PHE B 253 -27.63 -12.41 9.25
N TRP B 254 -28.90 -12.65 8.96
CA TRP B 254 -29.50 -12.16 7.72
C TRP B 254 -29.57 -10.64 7.69
N GLU B 255 -30.04 -10.03 8.79
CA GLU B 255 -30.15 -8.58 8.83
C GLU B 255 -28.77 -7.92 8.74
N GLU B 256 -27.78 -8.46 9.45
CA GLU B 256 -26.43 -7.90 9.41
C GLU B 256 -25.83 -8.04 8.01
N PHE B 257 -26.04 -9.19 7.36
CA PHE B 257 -25.50 -9.39 6.02
C PHE B 257 -26.17 -8.46 5.01
N GLU B 258 -27.49 -8.40 5.02
CA GLU B 258 -28.19 -7.51 4.10
C GLU B 258 -27.91 -6.05 4.40
N THR B 259 -27.58 -5.73 5.66
CA THR B 259 -27.12 -4.38 5.98
C THR B 259 -25.81 -4.07 5.27
N LEU B 260 -24.89 -5.05 5.23
CA LEU B 260 -23.65 -4.87 4.49
C LEU B 260 -23.91 -4.83 2.98
N GLN B 261 -24.85 -5.65 2.51
CA GLN B 261 -25.18 -5.67 1.09
C GLN B 261 -25.71 -4.33 0.61
N GLN B 262 -26.25 -3.51 1.51
CA GLN B 262 -26.74 -2.19 1.11
C GLN B 262 -25.61 -1.21 0.83
N GLN B 263 -24.40 -1.49 1.32
CA GLN B 263 -23.25 -0.61 1.13
C GLN B 263 -22.40 -0.99 -0.08
N GLU B 264 -22.78 -2.04 -0.81
CA GLU B 264 -22.03 -2.42 -2.00
C GLU B 264 -22.17 -1.42 -3.13
N CYS B 265 -23.05 -0.43 -3.00
CA CYS B 265 -23.20 0.59 -4.03
C CYS B 265 -22.09 1.64 -3.96
N LYS B 266 -21.49 1.84 -2.79
CA LYS B 266 -20.35 2.74 -2.65
C LYS B 266 -19.03 2.11 -3.06
N LEU B 267 -19.09 0.99 -3.78
CA LEU B 267 -17.91 0.26 -4.23
C LEU B 267 -17.89 0.10 -5.74
N LEU B 268 -18.72 0.85 -6.46
CA LEU B 268 -18.79 0.76 -7.93
C LEU B 268 -17.61 1.48 -8.57
N TYR B 269 -16.42 0.97 -8.27
CA TYR B 269 -15.20 1.56 -8.81
C TYR B 269 -15.07 1.23 -10.30
N SER B 270 -14.04 1.79 -10.92
CA SER B 270 -13.86 1.66 -12.36
C SER B 270 -13.34 0.27 -12.72
N ARG B 271 -13.74 -0.20 -13.90
CA ARG B 271 -13.31 -1.48 -14.45
C ARG B 271 -13.09 -1.33 -15.95
N LYS B 272 -12.33 -0.32 -16.34
CA LYS B 272 -12.15 0.00 -17.75
C LYS B 272 -11.19 -0.97 -18.43
N GLU B 273 -10.06 -1.28 -17.78
CA GLU B 273 -9.09 -2.18 -18.38
C GLU B 273 -9.67 -3.56 -18.62
N GLY B 274 -10.59 -4.00 -17.76
CA GLY B 274 -11.25 -5.28 -17.99
C GLY B 274 -12.27 -5.23 -19.11
N GLN B 275 -12.85 -4.06 -19.36
CA GLN B 275 -13.85 -3.90 -20.40
C GLN B 275 -13.26 -3.74 -21.79
N ARG B 276 -11.94 -3.62 -21.92
CA ARG B 276 -11.32 -3.37 -23.21
C ARG B 276 -11.60 -4.53 -24.16
N GLN B 277 -11.77 -4.18 -25.44
CA GLN B 277 -12.01 -5.19 -26.47
C GLN B 277 -10.88 -6.20 -26.55
N GLU B 278 -9.65 -5.76 -26.31
CA GLU B 278 -8.48 -6.60 -26.41
C GLU B 278 -8.28 -7.52 -25.21
N ASN B 279 -9.14 -7.42 -24.19
CA ASN B 279 -9.02 -8.26 -23.01
C ASN B 279 -10.34 -8.96 -22.65
N LYS B 280 -11.32 -8.95 -23.55
CA LYS B 280 -12.62 -9.56 -23.24
C LYS B 280 -12.50 -11.07 -23.12
N ASN B 281 -11.82 -11.72 -24.06
CA ASN B 281 -11.68 -13.17 -24.03
C ASN B 281 -10.70 -13.66 -22.97
N LYS B 282 -10.12 -12.76 -22.19
CA LYS B 282 -9.23 -13.13 -21.08
C LYS B 282 -9.97 -13.27 -19.76
N ASN B 283 -11.27 -12.99 -19.72
CA ASN B 283 -12.07 -13.10 -18.51
C ASN B 283 -12.91 -14.38 -18.56
N ARG B 284 -12.93 -15.11 -17.45
CA ARG B 284 -13.80 -16.28 -17.37
C ARG B 284 -15.26 -15.88 -17.47
N TYR B 285 -15.64 -14.79 -16.82
CA TYR B 285 -16.96 -14.20 -16.94
C TYR B 285 -16.82 -12.75 -17.37
N LYS B 286 -17.52 -12.37 -18.43
CA LYS B 286 -17.27 -11.10 -19.10
C LYS B 286 -17.67 -9.89 -18.26
N ASN B 287 -18.56 -10.06 -17.29
CA ASN B 287 -19.01 -8.95 -16.46
C ASN B 287 -18.49 -9.02 -15.03
N ILE B 288 -17.64 -9.99 -14.71
CA ILE B 288 -16.95 -10.04 -13.43
C ILE B 288 -15.53 -9.57 -13.71
N LEU B 289 -15.31 -8.27 -13.54
CA LEU B 289 -14.05 -7.65 -13.93
C LEU B 289 -13.32 -7.09 -12.73
N PRO B 290 -11.98 -7.12 -12.74
CA PRO B 290 -11.22 -6.58 -11.62
C PRO B 290 -11.26 -5.05 -11.60
N PHE B 291 -11.20 -4.49 -10.40
CA PHE B 291 -11.07 -3.05 -10.26
C PHE B 291 -9.80 -2.56 -10.92
N ASP B 292 -9.81 -1.30 -11.34
CA ASP B 292 -8.66 -0.75 -12.05
C ASP B 292 -7.55 -0.31 -11.10
N HIS B 293 -7.91 0.10 -9.88
CA HIS B 293 -6.93 0.62 -8.94
C HIS B 293 -6.26 -0.46 -8.10
N THR B 294 -6.72 -1.70 -8.17
CA THR B 294 -6.10 -2.80 -7.43
C THR B 294 -5.71 -3.97 -8.32
N ARG B 295 -5.91 -3.88 -9.63
CA ARG B 295 -5.58 -4.97 -10.52
C ARG B 295 -4.07 -5.22 -10.55
N VAL B 296 -3.71 -6.44 -10.93
CA VAL B 296 -2.31 -6.82 -11.07
C VAL B 296 -1.87 -6.55 -12.50
N VAL B 297 -0.87 -5.68 -12.65
CA VAL B 297 -0.37 -5.28 -13.96
C VAL B 297 0.88 -6.08 -14.27
N LEU B 298 0.96 -6.61 -15.49
CA LEU B 298 2.11 -7.39 -15.94
C LEU B 298 3.03 -6.46 -16.74
N HIS B 299 4.06 -5.94 -16.08
CA HIS B 299 5.03 -5.03 -16.67
C HIS B 299 6.36 -5.76 -16.82
N ASP B 300 6.69 -6.15 -18.04
CA ASP B 300 7.92 -6.88 -18.31
C ASP B 300 8.28 -6.72 -19.77
N GLY B 301 9.46 -7.20 -20.13
CA GLY B 301 9.93 -7.12 -21.50
C GLY B 301 10.54 -5.78 -21.85
N VAL B 307 -0.40 -4.94 -25.54
CA VAL B 307 -1.62 -5.72 -25.32
C VAL B 307 -1.26 -6.99 -24.53
N SER B 308 -0.64 -6.79 -23.36
CA SER B 308 -0.24 -7.96 -22.57
C SER B 308 -0.05 -7.64 -21.09
N ASP B 309 -0.62 -6.55 -20.56
CA ASP B 309 -0.50 -6.23 -19.15
C ASP B 309 -1.68 -6.72 -18.32
N TYR B 310 -2.71 -7.26 -18.95
CA TYR B 310 -3.96 -7.56 -18.27
C TYR B 310 -3.99 -9.01 -17.77
N ILE B 311 -4.37 -9.18 -16.52
CA ILE B 311 -4.78 -10.46 -15.97
C ILE B 311 -5.91 -10.19 -14.97
N ASN B 312 -6.90 -11.08 -14.96
CA ASN B 312 -8.05 -10.89 -14.08
C ASN B 312 -7.63 -11.28 -12.66
N ALA B 313 -6.99 -10.32 -11.99
CA ALA B 313 -6.48 -10.54 -10.64
C ALA B 313 -6.32 -9.20 -9.95
N ASN B 314 -6.53 -9.18 -8.64
CA ASN B 314 -6.43 -7.98 -7.83
C ASN B 314 -5.53 -8.24 -6.63
N ILE B 315 -4.72 -7.25 -6.28
CA ILE B 315 -3.93 -7.31 -5.06
C ILE B 315 -4.86 -7.05 -3.88
N ILE B 316 -5.12 -8.09 -3.08
CA ILE B 316 -5.91 -7.96 -1.87
C ILE B 316 -4.97 -7.64 -0.72
N MET B 317 -5.34 -6.64 0.08
CA MET B 317 -4.44 -6.10 1.10
C MET B 317 -5.19 -5.94 2.42
N PRO B 318 -4.79 -6.65 3.48
CA PRO B 318 -5.31 -6.34 4.81
C PRO B 318 -4.91 -4.92 5.21
N GLU B 319 -5.83 -4.23 5.88
CA GLU B 319 -5.66 -2.82 6.24
C GLU B 319 -5.47 -1.95 5.00
N PHE B 320 -6.57 -1.67 4.30
CA PHE B 320 -6.62 -0.61 3.29
C PHE B 320 -6.65 0.77 3.91
N GLU B 321 -6.79 0.85 5.23
CA GLU B 321 -6.97 2.10 5.96
C GLU B 321 -5.87 2.25 7.01
N THR B 322 -5.27 3.43 7.07
CA THR B 322 -4.21 3.75 8.02
C THR B 322 -3.11 2.69 8.08
N LYS B 331 1.84 -9.74 5.09
CA LYS B 331 1.58 -10.51 3.88
C LYS B 331 0.29 -10.03 3.21
N SER B 332 0.21 -10.23 1.90
CA SER B 332 -0.94 -9.82 1.10
C SER B 332 -1.50 -11.02 0.34
N TYR B 333 -2.55 -10.78 -0.43
CA TYR B 333 -3.24 -11.80 -1.20
C TYR B 333 -3.43 -11.33 -2.62
N ILE B 334 -3.73 -12.30 -3.50
CA ILE B 334 -4.07 -12.03 -4.90
C ILE B 334 -5.30 -12.85 -5.20
N ALA B 335 -6.47 -12.22 -5.24
CA ALA B 335 -7.71 -12.88 -5.60
C ALA B 335 -7.85 -12.86 -7.12
N THR B 336 -7.89 -14.05 -7.72
CA THR B 336 -7.95 -14.18 -9.17
C THR B 336 -8.95 -15.27 -9.53
N GLN B 337 -9.26 -15.35 -10.82
CA GLN B 337 -10.26 -16.29 -11.33
C GLN B 337 -9.62 -17.64 -11.57
N GLY B 338 -10.37 -18.56 -12.16
CA GLY B 338 -9.82 -19.81 -12.66
C GLY B 338 -9.32 -19.61 -14.07
N CYS B 339 -8.10 -20.09 -14.33
CA CYS B 339 -7.43 -19.81 -15.58
C CYS B 339 -8.20 -20.36 -16.78
N LEU B 340 -8.12 -19.64 -17.89
CA LEU B 340 -8.56 -20.13 -19.19
C LEU B 340 -7.36 -20.65 -19.96
N GLN B 341 -7.64 -21.46 -20.97
CA GLN B 341 -6.57 -22.05 -21.77
C GLN B 341 -5.76 -21.02 -22.54
N ASN B 342 -6.23 -19.77 -22.61
CA ASN B 342 -5.50 -18.69 -23.24
C ASN B 342 -4.94 -17.69 -22.24
N THR B 343 -5.09 -17.96 -20.94
CA THR B 343 -4.53 -17.10 -19.90
C THR B 343 -3.61 -17.86 -18.95
N VAL B 344 -3.30 -19.12 -19.25
CA VAL B 344 -2.41 -19.89 -18.38
C VAL B 344 -1.01 -19.29 -18.40
N ASN B 345 -0.52 -18.92 -19.58
CA ASN B 345 0.78 -18.27 -19.68
C ASN B 345 0.79 -16.96 -18.91
N ASP B 346 -0.32 -16.23 -18.94
CA ASP B 346 -0.44 -15.01 -18.14
C ASP B 346 -0.43 -15.30 -16.65
N PHE B 347 -0.98 -16.46 -16.26
CA PHE B 347 -1.07 -16.79 -14.83
C PHE B 347 0.30 -16.95 -14.21
N TRP B 348 1.20 -17.67 -14.88
CA TRP B 348 2.53 -17.88 -14.31
C TRP B 348 3.40 -16.64 -14.43
N ARG B 349 3.14 -15.79 -15.42
CA ARG B 349 3.84 -14.50 -15.48
C ARG B 349 3.56 -13.67 -14.25
N MET B 350 2.31 -13.70 -13.77
CA MET B 350 1.96 -12.99 -12.55
C MET B 350 2.64 -13.60 -11.33
N VAL B 351 2.64 -14.93 -11.23
CA VAL B 351 3.24 -15.60 -10.08
C VAL B 351 4.73 -15.31 -10.01
N PHE B 352 5.40 -15.29 -11.16
CA PHE B 352 6.83 -15.01 -11.17
C PHE B 352 7.12 -13.55 -10.82
N GLN B 353 6.41 -12.62 -11.48
CA GLN B 353 6.63 -11.20 -11.23
C GLN B 353 6.33 -10.84 -9.78
N GLU B 354 5.20 -11.34 -9.25
CA GLU B 354 4.78 -11.00 -7.90
C GLU B 354 5.46 -11.84 -6.82
N ASN B 355 6.37 -12.73 -7.20
CA ASN B 355 7.18 -13.53 -6.28
C ASN B 355 6.30 -14.41 -5.37
N SER B 356 5.10 -14.76 -5.83
CA SER B 356 4.22 -15.60 -5.04
C SER B 356 4.79 -17.01 -4.93
N ARG B 357 4.69 -17.59 -3.73
CA ARG B 357 5.19 -18.93 -3.46
C ARG B 357 4.10 -19.90 -3.03
N VAL B 358 2.89 -19.44 -2.76
CA VAL B 358 1.81 -20.30 -2.29
C VAL B 358 0.57 -20.02 -3.13
N ILE B 359 -0.10 -21.09 -3.58
CA ILE B 359 -1.30 -21.00 -4.39
C ILE B 359 -2.41 -21.76 -3.66
N VAL B 360 -3.56 -21.12 -3.51
CA VAL B 360 -4.72 -21.72 -2.85
C VAL B 360 -5.80 -21.93 -3.91
N MET B 361 -6.09 -23.19 -4.20
CA MET B 361 -7.12 -23.57 -5.16
C MET B 361 -8.29 -24.18 -4.39
N THR B 362 -9.45 -23.53 -4.46
CA THR B 362 -10.61 -23.93 -3.68
C THR B 362 -11.76 -24.43 -4.55
N THR B 363 -11.47 -24.87 -5.77
CA THR B 363 -12.51 -25.39 -6.64
C THR B 363 -11.95 -26.52 -7.48
N LYS B 364 -12.83 -27.41 -7.93
CA LYS B 364 -12.43 -28.46 -8.84
C LYS B 364 -12.27 -27.91 -10.25
N GLU B 365 -11.54 -28.65 -11.08
CA GLU B 365 -11.38 -28.25 -12.48
C GLU B 365 -12.71 -28.27 -13.22
N VAL B 366 -13.62 -29.17 -12.82
CA VAL B 366 -14.96 -29.25 -13.38
C VAL B 366 -15.94 -29.48 -12.23
N GLU B 367 -16.98 -28.66 -12.17
CA GLU B 367 -18.04 -28.81 -11.17
C GLU B 367 -19.39 -28.70 -11.87
N ARG B 368 -20.23 -29.73 -11.69
CA ARG B 368 -21.54 -29.80 -12.32
C ARG B 368 -21.46 -29.75 -13.84
N GLY B 369 -20.39 -30.31 -14.40
CA GLY B 369 -20.26 -30.44 -15.84
C GLY B 369 -19.78 -29.21 -16.58
N LYS B 370 -19.25 -28.21 -15.88
CA LYS B 370 -18.75 -27.00 -16.52
C LYS B 370 -17.33 -26.74 -16.08
N SER B 371 -16.55 -26.09 -16.95
CA SER B 371 -15.16 -25.80 -16.67
C SER B 371 -15.06 -24.63 -15.70
N LYS B 372 -14.50 -24.89 -14.52
CA LYS B 372 -14.24 -23.83 -13.54
C LYS B 372 -12.81 -23.35 -13.56
N CYS B 373 -11.86 -24.20 -13.97
CA CYS B 373 -10.45 -23.87 -14.05
C CYS B 373 -9.69 -24.94 -14.80
N VAL B 374 -8.98 -24.55 -15.87
CA VAL B 374 -8.24 -25.54 -16.65
C VAL B 374 -6.98 -25.96 -15.88
N LYS B 375 -6.54 -27.18 -16.14
CA LYS B 375 -5.37 -27.75 -15.48
C LYS B 375 -4.14 -26.96 -15.93
N TYR B 376 -3.59 -26.14 -15.03
CA TYR B 376 -2.48 -25.25 -15.35
C TYR B 376 -1.16 -25.73 -14.73
N TRP B 377 -1.07 -27.00 -14.38
CA TRP B 377 0.13 -27.53 -13.75
C TRP B 377 0.48 -28.88 -14.37
N PRO B 378 1.76 -29.25 -14.39
CA PRO B 378 2.14 -30.55 -14.91
C PRO B 378 1.70 -31.67 -13.99
N ASP B 379 1.49 -32.85 -14.58
CA ASP B 379 1.24 -34.04 -13.78
C ASP B 379 2.44 -34.32 -12.89
N GLU B 380 2.23 -35.14 -11.86
CA GLU B 380 3.29 -35.42 -10.90
C GLU B 380 4.51 -35.99 -11.61
N TYR B 381 5.65 -35.33 -11.43
CA TYR B 381 6.96 -35.63 -12.04
C TYR B 381 7.04 -35.18 -13.49
N ALA B 382 6.07 -34.40 -13.98
CA ALA B 382 6.13 -33.86 -15.33
C ALA B 382 6.68 -32.44 -15.30
N LEU B 383 7.30 -32.06 -16.42
CA LEU B 383 7.87 -30.73 -16.60
C LEU B 383 7.18 -30.08 -17.79
N LYS B 384 6.52 -28.95 -17.56
CA LYS B 384 5.80 -28.26 -18.62
C LYS B 384 6.34 -26.84 -18.79
N GLU B 385 6.08 -26.28 -19.97
CA GLU B 385 6.44 -24.92 -20.30
C GLU B 385 5.18 -24.13 -20.66
N TYR B 386 5.04 -22.95 -20.06
CA TYR B 386 3.90 -22.06 -20.30
C TYR B 386 4.47 -20.73 -20.78
N GLY B 387 4.85 -20.70 -22.06
CA GLY B 387 5.51 -19.53 -22.61
C GLY B 387 6.96 -19.47 -22.18
N VAL B 388 7.35 -18.37 -21.52
CA VAL B 388 8.72 -18.24 -21.02
C VAL B 388 8.89 -18.80 -19.63
N MET B 389 7.83 -19.33 -19.03
CA MET B 389 7.87 -19.90 -17.69
C MET B 389 7.92 -21.43 -17.76
N ARG B 390 8.58 -22.03 -16.78
CA ARG B 390 8.81 -23.46 -16.73
C ARG B 390 8.44 -23.98 -15.35
N VAL B 391 7.56 -24.99 -15.31
CA VAL B 391 7.07 -25.55 -14.06
C VAL B 391 7.30 -27.06 -14.07
N ARG B 392 7.90 -27.56 -13.00
CA ARG B 392 8.08 -28.99 -12.78
C ARG B 392 7.31 -29.41 -11.53
N ASN B 393 6.52 -30.47 -11.66
CA ASN B 393 5.80 -31.03 -10.52
C ASN B 393 6.76 -31.95 -9.76
N VAL B 394 7.18 -31.52 -8.58
CA VAL B 394 8.18 -32.28 -7.83
C VAL B 394 7.52 -33.44 -7.08
N LYS B 395 6.48 -33.16 -6.30
CA LYS B 395 5.82 -34.18 -5.51
C LYS B 395 4.40 -33.73 -5.21
N GLU B 396 3.52 -34.71 -5.03
CA GLU B 396 2.11 -34.45 -4.69
C GLU B 396 1.78 -35.19 -3.39
N SER B 397 1.51 -34.44 -2.34
CA SER B 397 1.07 -34.99 -1.07
C SER B 397 -0.44 -34.87 -0.96
N ALA B 398 -1.11 -35.99 -0.70
CA ALA B 398 -2.55 -36.04 -0.62
C ALA B 398 -3.00 -36.07 0.84
N ALA B 399 -3.90 -35.17 1.19
CA ALA B 399 -4.44 -35.08 2.54
C ALA B 399 -5.94 -35.36 2.50
N HIS B 400 -6.59 -35.21 3.65
CA HIS B 400 -8.02 -35.47 3.75
C HIS B 400 -8.82 -34.52 2.87
N ASP B 401 -8.68 -33.22 3.12
CA ASP B 401 -9.52 -32.21 2.49
C ASP B 401 -8.82 -31.44 1.37
N TYR B 402 -7.55 -31.71 1.10
CA TYR B 402 -6.82 -30.97 0.09
C TYR B 402 -5.73 -31.84 -0.49
N THR B 403 -4.93 -31.24 -1.38
CA THR B 403 -3.79 -31.89 -2.00
C THR B 403 -2.68 -30.87 -2.17
N LEU B 404 -1.50 -31.18 -1.63
CA LEU B 404 -0.34 -30.30 -1.73
C LEU B 404 0.50 -30.67 -2.94
N ARG B 405 0.79 -29.68 -3.79
CA ARG B 405 1.60 -29.87 -4.99
C ARG B 405 2.82 -28.97 -4.91
N GLU B 406 4.00 -29.57 -4.77
CA GLU B 406 5.25 -28.82 -4.75
C GLU B 406 5.67 -28.54 -6.19
N LEU B 407 5.63 -27.28 -6.59
CA LEU B 407 5.94 -26.86 -7.95
C LEU B 407 7.24 -26.04 -7.96
N LYS B 408 8.06 -26.26 -8.99
CA LYS B 408 9.31 -25.54 -9.16
C LYS B 408 9.16 -24.61 -10.37
N LEU B 409 8.99 -23.32 -10.10
CA LEU B 409 8.80 -22.33 -11.15
C LEU B 409 10.12 -21.69 -11.52
N SER B 410 10.37 -21.59 -12.83
CA SER B 410 11.59 -20.97 -13.34
C SER B 410 11.27 -20.28 -14.65
N LYS B 411 12.23 -19.52 -15.15
CA LYS B 411 12.10 -18.81 -16.42
C LYS B 411 12.95 -19.48 -17.48
N VAL B 412 12.44 -19.52 -18.71
CA VAL B 412 13.11 -20.23 -19.79
C VAL B 412 14.40 -19.50 -20.16
N GLY B 413 15.52 -20.19 -20.02
CA GLY B 413 16.81 -19.66 -20.43
C GLY B 413 17.66 -19.08 -19.32
N GLN B 414 17.24 -19.19 -18.07
CA GLN B 414 17.99 -18.62 -16.94
C GLN B 414 17.86 -19.57 -15.75
N GLY B 415 18.98 -20.18 -15.37
CA GLY B 415 18.94 -21.18 -14.31
C GLY B 415 18.82 -20.63 -12.91
N ASN B 416 19.38 -19.44 -12.66
CA ASN B 416 19.36 -18.83 -11.34
C ASN B 416 18.03 -18.15 -11.01
N THR B 417 16.91 -18.73 -11.45
CA THR B 417 15.60 -18.15 -11.22
C THR B 417 14.60 -19.13 -10.61
N GLU B 418 14.99 -20.38 -10.39
CA GLU B 418 14.04 -21.40 -9.96
C GLU B 418 13.61 -21.17 -8.52
N ARG B 419 12.30 -21.23 -8.28
CA ARG B 419 11.74 -21.10 -6.95
C ARG B 419 10.60 -22.09 -6.78
N THR B 420 10.39 -22.51 -5.54
CA THR B 420 9.34 -23.47 -5.22
C THR B 420 8.03 -22.73 -4.95
N VAL B 421 6.97 -23.16 -5.64
CA VAL B 421 5.65 -22.56 -5.50
C VAL B 421 4.72 -23.65 -4.97
N TRP B 422 4.44 -23.61 -3.68
CA TRP B 422 3.60 -24.62 -3.04
C TRP B 422 2.14 -24.36 -3.38
N GLN B 423 1.48 -25.34 -4.00
CA GLN B 423 0.08 -25.22 -4.37
C GLN B 423 -0.77 -26.06 -3.41
N TYR B 424 -1.73 -25.41 -2.77
CA TYR B 424 -2.68 -26.08 -1.88
C TYR B 424 -4.03 -26.12 -2.57
N HIS B 425 -4.47 -27.33 -2.93
CA HIS B 425 -5.67 -27.53 -3.75
C HIS B 425 -6.75 -28.13 -2.85
N PHE B 426 -7.67 -27.28 -2.39
CA PHE B 426 -8.78 -27.71 -1.54
C PHE B 426 -9.84 -28.38 -2.41
N ARG B 427 -10.00 -29.69 -2.26
CA ARG B 427 -10.88 -30.47 -3.12
C ARG B 427 -12.22 -30.82 -2.47
N THR B 428 -12.36 -30.64 -1.17
CA THR B 428 -13.60 -31.02 -0.48
C THR B 428 -14.46 -29.80 -0.18
N TRP B 429 -14.91 -29.14 -1.24
CA TRP B 429 -15.86 -28.06 -1.14
C TRP B 429 -17.07 -28.37 -2.00
N PRO B 430 -18.28 -28.37 -1.45
CA PRO B 430 -19.46 -28.79 -2.22
C PRO B 430 -19.77 -27.83 -3.35
N ASP B 431 -20.49 -28.36 -4.34
CA ASP B 431 -20.89 -27.54 -5.49
C ASP B 431 -21.80 -26.40 -5.08
N HIS B 432 -22.61 -26.60 -4.03
CA HIS B 432 -23.49 -25.58 -3.50
C HIS B 432 -23.24 -25.42 -2.01
N GLY B 433 -23.60 -24.25 -1.49
CA GLY B 433 -23.49 -24.01 -0.07
C GLY B 433 -22.05 -23.99 0.42
N VAL B 434 -21.91 -24.25 1.72
CA VAL B 434 -20.62 -24.24 2.41
C VAL B 434 -20.51 -25.50 3.26
N PRO B 435 -19.32 -25.87 3.74
CA PRO B 435 -19.23 -27.01 4.65
C PRO B 435 -19.99 -26.77 5.94
N SER B 436 -20.35 -27.87 6.60
CA SER B 436 -21.08 -27.82 7.86
C SER B 436 -20.17 -27.72 9.08
N ASP B 437 -18.85 -27.82 8.88
CA ASP B 437 -17.90 -27.67 9.98
C ASP B 437 -16.58 -27.11 9.43
N PRO B 438 -16.15 -25.93 9.90
CA PRO B 438 -14.99 -25.27 9.28
C PRO B 438 -13.66 -25.88 9.70
N GLY B 439 -13.72 -26.99 10.44
CA GLY B 439 -12.50 -27.64 10.91
C GLY B 439 -11.57 -28.03 9.77
N GLY B 440 -12.13 -28.47 8.65
CA GLY B 440 -11.31 -28.81 7.50
C GLY B 440 -10.68 -27.60 6.84
N VAL B 441 -11.38 -26.47 6.85
CA VAL B 441 -10.83 -25.25 6.27
C VAL B 441 -9.77 -24.64 7.20
N LEU B 442 -9.99 -24.70 8.50
CA LEU B 442 -9.03 -24.11 9.44
C LEU B 442 -7.70 -24.86 9.42
N ASP B 443 -7.75 -26.19 9.34
CA ASP B 443 -6.50 -26.94 9.20
C ASP B 443 -5.85 -26.67 7.85
N PHE B 444 -6.67 -26.55 6.80
CA PHE B 444 -6.14 -26.19 5.48
C PHE B 444 -5.45 -24.83 5.53
N LEU B 445 -6.04 -23.87 6.23
CA LEU B 445 -5.45 -22.54 6.32
C LEU B 445 -4.18 -22.56 7.17
N GLU B 446 -4.20 -23.30 8.28
CA GLU B 446 -3.04 -23.33 9.18
C GLU B 446 -1.80 -23.86 8.46
N GLU B 447 -1.97 -24.87 7.61
CA GLU B 447 -0.84 -25.39 6.86
C GLU B 447 -0.37 -24.40 5.79
N VAL B 448 -1.26 -23.53 5.32
CA VAL B 448 -0.88 -22.51 4.36
C VAL B 448 -0.14 -21.36 5.04
N HIS B 449 -0.62 -20.94 6.21
CA HIS B 449 0.01 -19.83 6.92
C HIS B 449 1.46 -20.15 7.29
N HIS B 450 1.71 -21.37 7.75
CA HIS B 450 3.07 -21.73 8.14
C HIS B 450 3.98 -21.87 6.93
N LYS B 451 3.48 -22.47 5.85
CA LYS B 451 4.28 -22.57 4.62
C LYS B 451 4.61 -21.19 4.07
N GLN B 452 3.70 -20.23 4.21
CA GLN B 452 3.98 -18.87 3.76
C GLN B 452 4.96 -18.17 4.70
N GLU B 453 4.72 -18.26 6.00
CA GLU B 453 5.57 -17.59 6.97
C GLU B 453 6.97 -18.20 7.03
N SER B 454 7.13 -19.45 6.62
CA SER B 454 8.43 -20.11 6.63
C SER B 454 9.24 -19.88 5.36
N ILE B 455 8.81 -18.93 4.52
CA ILE B 455 9.55 -18.57 3.31
C ILE B 455 9.99 -17.12 3.45
N MET B 456 11.30 -16.90 3.48
CA MET B 456 11.84 -15.56 3.65
C MET B 456 11.59 -14.73 2.40
N ASP B 457 10.88 -13.61 2.57
CA ASP B 457 10.57 -12.68 1.48
C ASP B 457 9.83 -13.38 0.35
N ALA B 458 8.59 -13.76 0.67
CA ALA B 458 7.68 -14.37 -0.28
C ALA B 458 6.61 -13.36 -0.69
N GLY B 459 6.14 -13.48 -1.93
CA GLY B 459 5.13 -12.60 -2.44
C GLY B 459 3.77 -12.87 -1.85
N PRO B 460 2.74 -12.18 -2.36
CA PRO B 460 1.39 -12.41 -1.86
C PRO B 460 0.89 -13.82 -2.18
N VAL B 461 -0.01 -14.30 -1.34
CA VAL B 461 -0.55 -15.66 -1.47
C VAL B 461 -1.70 -15.62 -2.46
N VAL B 462 -1.53 -16.28 -3.60
CA VAL B 462 -2.53 -16.28 -4.65
C VAL B 462 -3.64 -17.27 -4.30
N VAL B 463 -4.88 -16.79 -4.34
CA VAL B 463 -6.07 -17.61 -4.06
C VAL B 463 -7.03 -17.46 -5.22
N HIS B 464 -7.61 -18.58 -5.66
CA HIS B 464 -8.53 -18.55 -6.79
C HIS B 464 -9.56 -19.66 -6.65
N CYS B 465 -10.76 -19.40 -7.18
CA CYS B 465 -11.79 -20.42 -7.32
C CYS B 465 -12.30 -20.41 -8.76
N SER B 466 -13.60 -20.14 -8.94
CA SER B 466 -14.16 -20.02 -10.27
C SER B 466 -13.98 -18.60 -10.78
N ALA B 467 -14.86 -17.69 -10.36
CA ALA B 467 -14.72 -16.29 -10.72
C ALA B 467 -13.68 -15.56 -9.87
N GLY B 468 -13.35 -16.10 -8.70
CA GLY B 468 -12.40 -15.47 -7.81
C GLY B 468 -12.98 -14.49 -6.82
N ILE B 469 -14.30 -14.52 -6.61
CA ILE B 469 -14.95 -13.56 -5.72
C ILE B 469 -15.71 -14.30 -4.63
N GLY B 470 -16.23 -15.49 -4.96
CA GLY B 470 -17.05 -16.25 -4.04
C GLY B 470 -16.26 -16.94 -2.95
N ARG B 471 -15.81 -18.17 -3.23
CA ARG B 471 -15.03 -18.92 -2.25
C ARG B 471 -13.72 -18.21 -1.95
N THR B 472 -13.12 -17.57 -2.95
CA THR B 472 -11.85 -16.88 -2.77
C THR B 472 -11.97 -15.78 -1.71
N GLY B 473 -13.03 -14.97 -1.82
CA GLY B 473 -13.29 -13.94 -0.83
C GLY B 473 -13.50 -14.47 0.57
N THR B 474 -13.96 -15.72 0.72
CA THR B 474 -14.22 -16.27 2.04
C THR B 474 -12.93 -16.72 2.72
N PHE B 475 -12.08 -17.45 1.99
CA PHE B 475 -10.82 -17.91 2.56
C PHE B 475 -9.93 -16.73 2.96
N ILE B 476 -9.91 -15.68 2.15
CA ILE B 476 -9.06 -14.53 2.45
C ILE B 476 -9.53 -13.81 3.70
N VAL B 477 -10.83 -13.53 3.79
CA VAL B 477 -11.37 -12.82 4.95
C VAL B 477 -11.10 -13.61 6.22
N ILE B 478 -11.35 -14.92 6.20
CA ILE B 478 -11.07 -15.76 7.36
C ILE B 478 -9.59 -15.72 7.70
N ASP B 479 -8.73 -15.86 6.68
CA ASP B 479 -7.29 -15.82 6.91
C ASP B 479 -6.84 -14.45 7.38
N ILE B 480 -7.51 -13.38 6.94
CA ILE B 480 -7.21 -12.05 7.45
C ILE B 480 -7.64 -11.93 8.91
N LEU B 481 -8.77 -12.55 9.26
CA LEU B 481 -9.27 -12.46 10.63
C LEU B 481 -8.43 -13.30 11.58
N ILE B 482 -8.16 -14.55 11.21
CA ILE B 482 -7.40 -15.43 12.09
C ILE B 482 -6.00 -14.89 12.32
N ASP B 483 -5.37 -14.36 11.27
CA ASP B 483 -4.05 -13.77 11.40
C ASP B 483 -4.03 -12.62 12.40
N ILE B 484 -5.16 -11.97 12.64
CA ILE B 484 -5.24 -10.96 13.68
C ILE B 484 -5.18 -11.59 15.05
N ILE B 485 -5.87 -12.72 15.23
CA ILE B 485 -6.02 -13.30 16.56
C ILE B 485 -4.73 -13.99 17.02
N ARG B 486 -3.96 -14.59 16.11
CA ARG B 486 -2.71 -15.21 16.54
C ARG B 486 -1.71 -14.17 17.03
N GLU B 487 -1.76 -12.96 16.46
CA GLU B 487 -0.86 -11.89 16.89
C GLU B 487 -1.32 -11.27 18.21
N LYS B 488 -2.39 -10.48 18.16
CA LYS B 488 -2.92 -9.77 19.33
C LYS B 488 -3.60 -10.69 20.35
N GLY B 489 -3.47 -12.01 20.24
CA GLY B 489 -4.10 -12.89 21.20
C GLY B 489 -5.61 -12.99 21.00
N VAL B 490 -6.26 -13.62 21.98
CA VAL B 490 -7.71 -13.82 21.95
C VAL B 490 -8.46 -12.67 22.61
N ASP B 491 -7.77 -11.58 22.96
CA ASP B 491 -8.37 -10.42 23.62
C ASP B 491 -8.34 -9.18 22.75
N CYS B 492 -8.41 -9.36 21.43
CA CYS B 492 -8.36 -8.27 20.48
C CYS B 492 -9.78 -7.93 20.01
N ASP B 493 -9.87 -6.94 19.13
CA ASP B 493 -11.12 -6.48 18.56
C ASP B 493 -11.17 -6.88 17.10
N ILE B 494 -12.09 -7.78 16.76
CA ILE B 494 -12.32 -8.19 15.38
C ILE B 494 -13.65 -7.60 14.92
N ASP B 495 -13.70 -7.17 13.66
CA ASP B 495 -14.91 -6.61 13.07
C ASP B 495 -15.08 -7.33 11.73
N VAL B 496 -15.81 -8.46 11.77
CA VAL B 496 -15.97 -9.28 10.57
C VAL B 496 -16.50 -8.48 9.38
N PRO B 497 -17.60 -7.71 9.50
CA PRO B 497 -18.07 -6.97 8.32
C PRO B 497 -17.18 -5.80 7.93
N LYS B 498 -16.34 -5.29 8.82
CA LYS B 498 -15.42 -4.23 8.43
C LYS B 498 -14.34 -4.77 7.50
N THR B 499 -13.78 -5.94 7.83
CA THR B 499 -12.78 -6.56 6.95
C THR B 499 -13.38 -6.86 5.59
N ILE B 500 -14.62 -7.33 5.56
CA ILE B 500 -15.25 -7.71 4.30
C ILE B 500 -15.42 -6.50 3.39
N GLN B 501 -15.95 -5.40 3.95
CA GLN B 501 -16.12 -4.20 3.14
C GLN B 501 -14.78 -3.64 2.70
N MET B 502 -13.77 -3.71 3.57
CA MET B 502 -12.42 -3.26 3.21
C MET B 502 -11.85 -4.10 2.07
N VAL B 503 -12.25 -5.37 1.97
CA VAL B 503 -11.81 -6.24 0.89
C VAL B 503 -12.66 -6.06 -0.36
N ARG B 504 -13.97 -5.84 -0.21
CA ARG B 504 -14.83 -5.57 -1.35
C ARG B 504 -14.44 -4.30 -2.08
N SER B 505 -13.69 -3.40 -1.42
CA SER B 505 -13.17 -2.23 -2.11
C SER B 505 -12.01 -2.59 -3.04
N GLN B 506 -11.44 -3.78 -2.90
CA GLN B 506 -10.28 -4.19 -3.68
C GLN B 506 -10.61 -5.21 -4.77
N ARG B 507 -11.71 -5.95 -4.64
CA ARG B 507 -12.19 -6.80 -5.72
C ARG B 507 -13.71 -6.86 -5.63
N SER B 508 -14.35 -6.87 -6.79
CA SER B 508 -15.81 -6.75 -6.87
C SER B 508 -16.50 -7.90 -6.14
N GLY B 509 -17.21 -7.56 -5.07
CA GLY B 509 -18.08 -8.49 -4.39
C GLY B 509 -17.42 -9.73 -3.81
N MET B 510 -16.45 -9.53 -2.92
CA MET B 510 -15.92 -10.66 -2.16
C MET B 510 -16.95 -11.10 -1.12
N VAL B 511 -17.03 -12.42 -0.90
CA VAL B 511 -18.11 -13.05 -0.15
C VAL B 511 -19.43 -12.83 -0.88
N GLN B 512 -20.00 -13.91 -1.42
CA GLN B 512 -21.14 -13.80 -2.31
C GLN B 512 -22.48 -14.11 -1.65
N THR B 513 -22.52 -15.02 -0.67
CA THR B 513 -23.77 -15.43 -0.07
C THR B 513 -23.71 -15.26 1.45
N GLU B 514 -24.87 -15.06 2.06
CA GLU B 514 -24.97 -15.00 3.51
C GLU B 514 -24.54 -16.31 4.15
N ALA B 515 -24.77 -17.43 3.47
CA ALA B 515 -24.31 -18.72 3.98
C ALA B 515 -22.81 -18.72 4.18
N GLN B 516 -22.07 -18.12 3.23
CA GLN B 516 -20.63 -17.94 3.43
C GLN B 516 -20.34 -16.97 4.56
N TYR B 517 -21.17 -15.93 4.68
CA TYR B 517 -21.02 -14.98 5.79
C TYR B 517 -21.19 -15.66 7.12
N ARG B 518 -22.24 -16.46 7.27
CA ARG B 518 -22.44 -17.24 8.49
C ARG B 518 -21.27 -18.19 8.72
N PHE B 519 -20.74 -18.78 7.65
CA PHE B 519 -19.63 -19.72 7.77
C PHE B 519 -18.39 -19.03 8.36
N ILE B 520 -18.17 -17.76 8.03
CA ILE B 520 -17.03 -17.03 8.55
C ILE B 520 -17.11 -16.90 10.06
N TYR B 521 -18.27 -16.44 10.56
CA TYR B 521 -18.45 -16.31 12.00
C TYR B 521 -18.25 -17.65 12.71
N MET B 522 -18.69 -18.75 12.10
CA MET B 522 -18.47 -20.06 12.70
C MET B 522 -16.99 -20.42 12.71
N ALA B 523 -16.28 -20.16 11.61
CA ALA B 523 -14.86 -20.47 11.54
C ALA B 523 -14.07 -19.65 12.54
N VAL B 524 -14.42 -18.37 12.72
CA VAL B 524 -13.75 -17.54 13.71
C VAL B 524 -14.07 -18.04 15.11
N GLN B 525 -15.33 -18.38 15.38
CA GLN B 525 -15.71 -18.94 16.67
C GLN B 525 -15.03 -20.28 16.90
N HIS B 526 -15.06 -21.16 15.88
CA HIS B 526 -14.45 -22.48 16.02
C HIS B 526 -12.95 -22.38 16.28
N TYR B 527 -12.28 -21.41 15.65
CA TYR B 527 -10.84 -21.27 15.82
C TYR B 527 -10.49 -20.88 17.24
N ILE B 528 -11.40 -20.26 17.96
CA ILE B 528 -11.12 -19.82 19.33
C ILE B 528 -11.46 -20.89 20.36
N GLU B 529 -12.50 -21.70 20.12
CA GLU B 529 -12.82 -22.78 21.04
C GLU B 529 -11.66 -23.77 21.13
N THR B 530 -10.94 -23.98 20.03
CA THR B 530 -9.75 -24.83 20.06
C THR B 530 -8.60 -24.22 20.83
N LEU B 531 -8.72 -22.96 21.26
CA LEU B 531 -7.73 -22.33 22.11
C LEU B 531 -8.14 -22.44 23.59
#